data_5LDJ
#
_entry.id   5LDJ
#
_cell.length_a   54.730
_cell.length_b   63.520
_cell.length_c   67.370
_cell.angle_alpha   106.26
_cell.angle_beta   106.14
_cell.angle_gamma   103.06
#
_symmetry.space_group_name_H-M   'P 1'
#
loop_
_entity.id
_entity.type
_entity.pdbx_description
1 polymer "RNA 2',3'-cyclic phosphodiesterase"
2 non-polymer 'PHOSPHATE ION'
3 water water
#
_entity_poly.entity_id   1
_entity_poly.type   'polypeptide(L)'
_entity_poly.pdbx_seq_one_letter_code
;GMSEPQRLFFAIDLPAEIREQIIHWRAKHFPPEAGRPVAADNLHLTLAFLGEVSAEKEKALSLLAGRIRQPGFTLTLDDA
GQWLRSRVVWLGMRQPPRGLIQLANMLRSQAARSGCFQSNRPFHPHITLLRDASEAVTIPPPGFNWSYAVTEFTLYASSF
ARGRTRYTPLKRWALTQ
;
_entity_poly.pdbx_strand_id   A,B,C,D
#
loop_
_chem_comp.id
_chem_comp.type
_chem_comp.name
_chem_comp.formula
PO4 non-polymer 'PHOSPHATE ION' 'O4 P -3'
#
# COMPACT_ATOMS: atom_id res chain seq x y z
N SER A 3 -3.15 -12.32 -22.47
CA SER A 3 -3.53 -13.13 -23.62
C SER A 3 -4.03 -12.26 -24.76
N GLU A 4 -5.33 -12.34 -25.03
CA GLU A 4 -5.94 -11.56 -26.11
C GLU A 4 -6.16 -10.10 -25.73
N PRO A 5 -6.04 -9.19 -26.70
CA PRO A 5 -6.25 -7.75 -26.49
C PRO A 5 -7.67 -7.44 -26.00
N GLN A 6 -7.81 -6.32 -25.29
CA GLN A 6 -9.11 -5.87 -24.82
C GLN A 6 -9.36 -4.43 -25.23
N ARG A 7 -10.63 -4.06 -25.39
CA ARG A 7 -10.98 -2.68 -25.71
C ARG A 7 -11.13 -1.88 -24.43
N LEU A 8 -10.10 -1.11 -24.11
CA LEU A 8 -10.04 -0.42 -22.83
C LEU A 8 -10.39 1.05 -22.97
N PHE A 9 -10.81 1.67 -21.87
CA PHE A 9 -10.95 3.12 -21.78
C PHE A 9 -11.05 3.55 -20.33
N PHE A 10 -10.62 4.78 -20.05
CA PHE A 10 -10.78 5.37 -18.73
C PHE A 10 -12.10 6.13 -18.65
N ALA A 11 -12.69 6.19 -17.46
CA ALA A 11 -13.98 6.85 -17.32
C ALA A 11 -14.25 7.38 -15.91
N ILE A 12 -15.12 8.39 -15.85
CA ILE A 12 -15.67 8.89 -14.59
C ILE A 12 -17.09 8.35 -14.49
N ASP A 13 -17.47 7.83 -13.33
CA ASP A 13 -18.79 7.23 -13.19
C ASP A 13 -19.79 8.15 -12.52
N LEU A 14 -21.04 7.70 -12.47
CA LEU A 14 -22.15 8.46 -11.92
C LEU A 14 -22.71 7.78 -10.68
N PRO A 15 -23.05 8.57 -9.66
CA PRO A 15 -23.76 8.01 -8.49
C PRO A 15 -25.06 7.35 -8.93
N ALA A 16 -25.50 6.32 -8.21
CA ALA A 16 -26.66 5.54 -8.63
C ALA A 16 -27.93 6.37 -8.75
N GLU A 17 -28.14 7.25 -7.77
CA GLU A 17 -29.34 8.06 -7.70
C GLU A 17 -29.42 9.04 -8.86
N ILE A 18 -28.27 9.49 -9.34
CA ILE A 18 -28.21 10.46 -10.43
C ILE A 18 -28.40 9.78 -11.79
N ARG A 19 -27.94 8.54 -11.90
CA ARG A 19 -28.18 7.75 -13.11
C ARG A 19 -29.68 7.58 -13.28
N GLU A 20 -30.36 7.31 -12.16
CA GLU A 20 -31.79 7.11 -12.14
C GLU A 20 -32.50 8.42 -12.47
N GLN A 21 -31.96 9.52 -11.97
CA GLN A 21 -32.52 10.85 -12.24
C GLN A 21 -32.40 11.19 -13.72
N ILE A 22 -31.30 10.76 -14.33
CA ILE A 22 -31.02 11.07 -15.73
C ILE A 22 -31.89 10.26 -16.68
N ILE A 23 -31.95 8.96 -16.48
CA ILE A 23 -32.72 8.08 -17.36
C ILE A 23 -34.21 8.38 -17.29
N HIS A 24 -34.64 8.99 -16.19
CA HIS A 24 -36.02 9.43 -16.05
C HIS A 24 -36.24 10.72 -16.84
N TRP A 25 -35.25 11.61 -16.77
CA TRP A 25 -35.29 12.87 -17.50
C TRP A 25 -35.26 12.62 -19.01
N ARG A 26 -34.53 11.57 -19.39
CA ARG A 26 -34.40 11.18 -20.80
C ARG A 26 -35.69 10.58 -21.34
N ALA A 27 -36.34 9.76 -20.53
CA ALA A 27 -37.58 9.09 -20.93
C ALA A 27 -38.76 10.06 -20.92
N LYS A 28 -38.51 11.29 -20.49
CA LYS A 28 -39.56 12.30 -20.42
C LYS A 28 -39.52 13.22 -21.62
N HIS A 29 -38.31 13.58 -22.05
CA HIS A 29 -38.14 14.54 -23.13
C HIS A 29 -37.72 13.90 -24.46
N PHE A 30 -37.50 12.58 -24.46
CA PHE A 30 -37.06 11.91 -25.68
C PHE A 30 -37.81 10.60 -25.93
N PRO A 31 -38.55 10.53 -27.05
CA PRO A 31 -39.23 9.31 -27.49
C PRO A 31 -38.25 8.28 -28.01
N PRO A 32 -38.70 7.03 -28.20
CA PRO A 32 -37.83 6.00 -28.80
C PRO A 32 -37.39 6.39 -30.21
N GLU A 33 -38.20 7.20 -30.88
CA GLU A 33 -37.90 7.65 -32.24
C GLU A 33 -36.76 8.66 -32.26
N ALA A 34 -36.44 9.22 -31.11
CA ALA A 34 -35.40 10.24 -31.01
C ALA A 34 -34.02 9.63 -31.21
N GLY A 35 -33.87 8.37 -30.82
CA GLY A 35 -32.59 7.69 -30.92
C GLY A 35 -32.50 6.49 -30.00
N ARG A 36 -31.35 5.84 -30.00
CA ARG A 36 -31.14 4.64 -29.19
C ARG A 36 -30.61 4.99 -27.80
N PRO A 37 -31.38 4.64 -26.76
CA PRO A 37 -31.04 5.02 -25.39
C PRO A 37 -29.89 4.21 -24.80
N VAL A 38 -28.94 4.90 -24.19
CA VAL A 38 -27.83 4.25 -23.51
C VAL A 38 -28.32 3.69 -22.17
N ALA A 39 -27.98 2.44 -21.90
CA ALA A 39 -28.40 1.77 -20.66
C ALA A 39 -27.94 2.55 -19.44
N ALA A 40 -28.68 2.43 -18.34
CA ALA A 40 -28.37 3.17 -17.12
C ALA A 40 -26.99 2.78 -16.59
N ASP A 41 -26.71 1.48 -16.60
CA ASP A 41 -25.44 0.97 -16.09
C ASP A 41 -24.30 1.27 -17.06
N ASN A 42 -24.64 1.72 -18.26
CA ASN A 42 -23.65 2.01 -19.29
C ASN A 42 -23.34 3.50 -19.39
N LEU A 43 -24.07 4.32 -18.63
CA LEU A 43 -23.85 5.76 -18.61
C LEU A 43 -22.53 6.10 -17.93
N HIS A 44 -21.71 6.90 -18.60
CA HIS A 44 -20.40 7.25 -18.09
C HIS A 44 -19.82 8.48 -18.78
N LEU A 45 -18.70 8.95 -18.25
CA LEU A 45 -17.96 10.07 -18.85
C LEU A 45 -16.55 9.58 -19.18
N THR A 46 -16.30 9.33 -20.46
CA THR A 46 -15.01 8.81 -20.90
C THR A 46 -13.91 9.86 -20.79
N LEU A 47 -12.84 9.50 -20.07
CA LEU A 47 -11.68 10.38 -19.94
C LEU A 47 -10.67 10.13 -21.05
N ALA A 48 -10.58 8.87 -21.49
CA ALA A 48 -9.66 8.49 -22.55
C ALA A 48 -10.03 7.14 -23.16
N PHE A 49 -10.19 7.12 -24.48
CA PHE A 49 -10.51 5.90 -25.21
C PHE A 49 -9.23 5.28 -25.77
N LEU A 50 -9.02 4.00 -25.48
CA LEU A 50 -7.75 3.35 -25.83
C LEU A 50 -7.85 2.40 -27.01
N GLY A 51 -9.06 1.92 -27.31
CA GLY A 51 -9.24 0.93 -28.36
C GLY A 51 -8.62 -0.39 -27.97
N GLU A 52 -8.34 -1.24 -28.96
CA GLU A 52 -7.75 -2.55 -28.69
C GLU A 52 -6.33 -2.42 -28.15
N VAL A 53 -6.16 -2.92 -26.93
CA VAL A 53 -4.90 -2.85 -26.19
C VAL A 53 -4.38 -4.22 -25.74
N SER A 54 -3.11 -4.48 -26.02
CA SER A 54 -2.47 -5.72 -25.61
C SER A 54 -2.32 -5.79 -24.09
N ALA A 55 -2.11 -6.99 -23.57
CA ALA A 55 -1.96 -7.18 -22.13
C ALA A 55 -0.73 -6.44 -21.63
N GLU A 56 0.28 -6.36 -22.48
CA GLU A 56 1.53 -5.68 -22.13
C GLU A 56 1.29 -4.19 -22.06
N LYS A 57 0.50 -3.68 -23.00
CA LYS A 57 0.25 -2.26 -23.10
C LYS A 57 -0.67 -1.80 -21.96
N GLU A 58 -1.63 -2.66 -21.62
CA GLU A 58 -2.54 -2.39 -20.51
C GLU A 58 -1.80 -2.25 -19.19
N LYS A 59 -0.88 -3.18 -18.96
CA LYS A 59 -0.10 -3.23 -17.73
C LYS A 59 0.75 -1.96 -17.58
N ALA A 60 1.34 -1.52 -18.67
CA ALA A 60 2.17 -0.32 -18.67
C ALA A 60 1.33 0.93 -18.41
N LEU A 61 0.10 0.90 -18.91
CA LEU A 61 -0.84 2.02 -18.73
C LEU A 61 -1.33 2.11 -17.28
N SER A 62 -1.57 0.96 -16.67
CA SER A 62 -2.04 0.91 -15.29
C SER A 62 -1.00 1.46 -14.32
N LEU A 63 0.27 1.34 -14.69
CA LEU A 63 1.34 1.88 -13.87
C LEU A 63 1.41 3.39 -14.02
N LEU A 64 1.29 3.85 -15.26
CA LEU A 64 1.33 5.28 -15.56
C LEU A 64 0.11 5.98 -14.96
N ALA A 65 -1.00 5.26 -14.89
CA ALA A 65 -2.23 5.79 -14.31
C ALA A 65 -2.11 5.87 -12.79
N GLY A 66 -1.36 4.93 -12.21
CA GLY A 66 -1.20 4.88 -10.77
C GLY A 66 -0.25 5.92 -10.24
N ARG A 67 0.46 6.60 -11.13
CA ARG A 67 1.41 7.64 -10.74
C ARG A 67 0.74 9.00 -10.69
N ILE A 68 -0.51 9.06 -11.12
CA ILE A 68 -1.26 10.31 -11.16
C ILE A 68 -1.66 10.76 -9.75
N ARG A 69 -1.36 12.01 -9.43
CA ARG A 69 -1.71 12.60 -8.14
C ARG A 69 -2.61 13.81 -8.31
N GLN A 70 -3.90 13.66 -7.99
CA GLN A 70 -4.86 14.73 -8.20
C GLN A 70 -5.95 14.79 -7.15
N PRO A 71 -6.21 16.00 -6.63
CA PRO A 71 -7.33 16.25 -5.71
C PRO A 71 -8.66 15.93 -6.38
N GLY A 72 -9.65 15.52 -5.61
CA GLY A 72 -10.96 15.24 -6.18
C GLY A 72 -11.62 16.53 -6.62
N PHE A 73 -12.72 16.41 -7.36
CA PHE A 73 -13.41 17.58 -7.88
C PHE A 73 -14.90 17.33 -8.01
N THR A 74 -15.66 18.39 -8.20
CA THR A 74 -17.11 18.29 -8.30
C THR A 74 -17.61 18.48 -9.73
N LEU A 75 -18.51 17.61 -10.16
CA LEU A 75 -19.15 17.74 -11.46
C LEU A 75 -20.60 18.18 -11.31
N THR A 76 -20.94 19.31 -11.91
CA THR A 76 -22.33 19.73 -11.98
C THR A 76 -22.79 19.74 -13.44
N LEU A 77 -23.70 18.84 -13.77
CA LEU A 77 -24.15 18.68 -15.15
C LEU A 77 -25.22 19.70 -15.52
N ASP A 78 -24.77 20.86 -16.00
CA ASP A 78 -25.66 21.96 -16.29
C ASP A 78 -25.98 22.09 -17.78
N ASP A 79 -25.39 21.22 -18.58
CA ASP A 79 -25.52 21.33 -20.04
C ASP A 79 -25.94 20.03 -20.71
N ALA A 80 -26.80 20.15 -21.72
CA ALA A 80 -27.17 19.03 -22.56
C ALA A 80 -27.27 19.49 -24.02
N GLY A 81 -26.89 18.62 -24.95
CA GLY A 81 -26.87 19.00 -26.35
C GLY A 81 -26.92 17.85 -27.33
N GLN A 82 -26.68 18.19 -28.60
CA GLN A 82 -26.76 17.21 -29.68
C GLN A 82 -25.67 17.47 -30.72
N TRP A 83 -24.92 16.43 -31.06
CA TRP A 83 -23.96 16.51 -32.15
C TRP A 83 -24.53 15.80 -33.37
N LEU A 84 -24.78 16.57 -34.42
CA LEU A 84 -25.58 16.09 -35.54
C LEU A 84 -24.83 15.12 -36.43
N ARG A 85 -23.55 15.37 -36.66
CA ARG A 85 -22.75 14.49 -37.52
C ARG A 85 -22.54 13.14 -36.85
N SER A 86 -22.15 13.14 -35.58
CA SER A 86 -21.90 11.90 -34.85
C SER A 86 -23.21 11.26 -34.39
N ARG A 87 -24.30 12.01 -34.52
CA ARG A 87 -25.64 11.54 -34.17
C ARG A 87 -25.78 11.09 -32.72
N VAL A 88 -25.44 11.98 -31.79
CA VAL A 88 -25.57 11.67 -30.36
C VAL A 88 -26.21 12.82 -29.60
N VAL A 89 -27.00 12.48 -28.59
CA VAL A 89 -27.52 13.46 -27.65
C VAL A 89 -26.76 13.29 -26.34
N TRP A 90 -26.02 14.33 -25.96
CA TRP A 90 -25.11 14.21 -24.83
C TRP A 90 -25.50 15.08 -23.64
N LEU A 91 -24.97 14.72 -22.49
CA LEU A 91 -25.10 15.50 -21.28
C LEU A 91 -23.71 15.90 -20.83
N GLY A 92 -23.54 17.14 -20.38
CA GLY A 92 -22.21 17.60 -20.01
C GLY A 92 -22.16 18.78 -19.05
N MET A 93 -21.08 19.53 -19.12
N MET A 93 -21.06 19.50 -19.09
CA MET A 93 -20.87 20.67 -18.21
CA MET A 93 -20.86 20.67 -18.26
C MET A 93 -20.33 21.86 -18.98
C MET A 93 -20.48 21.85 -19.13
N ARG A 94 -20.92 23.04 -18.74
CA ARG A 94 -20.54 24.26 -19.46
C ARG A 94 -19.08 24.63 -19.19
N GLN A 95 -18.72 24.78 -17.93
CA GLN A 95 -17.34 25.07 -17.56
C GLN A 95 -16.78 23.97 -16.67
N PRO A 96 -16.24 22.91 -17.30
CA PRO A 96 -15.65 21.77 -16.60
C PRO A 96 -14.52 22.18 -15.66
N PRO A 97 -14.43 21.54 -14.49
CA PRO A 97 -13.42 21.85 -13.47
C PRO A 97 -12.01 21.51 -13.95
N ARG A 98 -11.03 22.29 -13.52
CA ARG A 98 -9.63 22.10 -13.93
C ARG A 98 -9.13 20.68 -13.62
N GLY A 99 -9.64 20.10 -12.54
CA GLY A 99 -9.30 18.74 -12.17
C GLY A 99 -9.73 17.73 -13.22
N LEU A 100 -10.85 18.01 -13.88
CA LEU A 100 -11.36 17.13 -14.93
C LEU A 100 -10.53 17.23 -16.20
N ILE A 101 -10.21 18.46 -16.60
CA ILE A 101 -9.41 18.69 -17.79
C ILE A 101 -8.00 18.14 -17.62
N GLN A 102 -7.44 18.32 -16.43
CA GLN A 102 -6.08 17.88 -16.15
C GLN A 102 -5.96 16.36 -16.14
N LEU A 103 -6.93 15.70 -15.51
CA LEU A 103 -6.92 14.25 -15.39
C LEU A 103 -7.05 13.59 -16.77
N ALA A 104 -7.90 14.16 -17.61
CA ALA A 104 -8.12 13.63 -18.94
C ALA A 104 -6.87 13.81 -19.79
N ASN A 105 -6.31 15.01 -19.77
CA ASN A 105 -5.14 15.34 -20.57
C ASN A 105 -3.94 14.46 -20.22
N MET A 106 -3.82 14.10 -18.93
CA MET A 106 -2.73 13.24 -18.49
C MET A 106 -2.91 11.82 -19.00
N LEU A 107 -4.16 11.36 -19.03
CA LEU A 107 -4.47 10.03 -19.51
C LEU A 107 -4.36 9.97 -21.03
N ARG A 108 -4.76 11.05 -21.69
CA ARG A 108 -4.61 11.17 -23.13
C ARG A 108 -3.14 11.26 -23.51
N SER A 109 -2.34 11.90 -22.66
CA SER A 109 -0.92 12.08 -22.94
C SER A 109 -0.14 10.77 -22.76
N GLN A 110 -0.43 10.06 -21.68
CA GLN A 110 0.25 8.80 -21.38
C GLN A 110 -0.10 7.71 -22.41
N ALA A 111 -1.33 7.75 -22.91
CA ALA A 111 -1.78 6.79 -23.92
C ALA A 111 -1.22 7.10 -25.31
N ALA A 112 -1.16 8.38 -25.64
CA ALA A 112 -0.69 8.81 -26.95
C ALA A 112 0.80 8.52 -27.13
N ARG A 121 -9.30 14.26 -32.12
CA ARG A 121 -10.37 15.13 -31.66
C ARG A 121 -10.10 15.61 -30.23
N PRO A 122 -10.12 16.93 -30.01
CA PRO A 122 -9.88 17.54 -28.71
C PRO A 122 -10.84 17.05 -27.63
N PHE A 123 -10.46 17.16 -26.36
CA PHE A 123 -11.27 16.62 -25.29
C PHE A 123 -12.48 17.51 -24.96
N HIS A 124 -13.66 17.03 -25.29
CA HIS A 124 -14.92 17.68 -24.92
C HIS A 124 -15.75 16.70 -24.08
N PRO A 125 -15.55 16.74 -22.75
CA PRO A 125 -16.16 15.83 -21.78
C PRO A 125 -17.68 15.80 -21.86
N HIS A 126 -18.23 14.60 -21.90
CA HIS A 126 -19.67 14.43 -22.09
C HIS A 126 -20.15 13.07 -21.61
N ILE A 127 -21.45 12.96 -21.41
CA ILE A 127 -22.09 11.69 -21.09
C ILE A 127 -23.18 11.41 -22.12
N THR A 128 -22.94 10.42 -22.97
CA THR A 128 -23.87 10.12 -24.06
C THR A 128 -25.16 9.52 -23.53
N LEU A 129 -26.28 10.09 -23.94
CA LEU A 129 -27.60 9.65 -23.50
C LEU A 129 -28.30 8.85 -24.60
N LEU A 130 -28.17 9.33 -25.83
CA LEU A 130 -28.80 8.69 -26.96
C LEU A 130 -27.78 8.51 -28.09
N ARG A 131 -27.84 7.36 -28.76
CA ARG A 131 -27.05 7.15 -29.96
C ARG A 131 -27.99 7.03 -31.15
N ASP A 132 -27.46 7.22 -32.35
CA ASP A 132 -28.24 7.19 -33.59
C ASP A 132 -29.31 8.28 -33.58
N ALA A 133 -29.00 9.41 -32.93
CA ALA A 133 -29.92 10.53 -32.90
C ALA A 133 -29.65 11.39 -34.12
N SER A 134 -30.04 10.85 -35.28
CA SER A 134 -29.75 11.49 -36.54
C SER A 134 -30.62 12.72 -36.77
N GLU A 135 -31.90 12.65 -36.45
CA GLU A 135 -32.78 13.79 -36.62
C GLU A 135 -32.50 14.83 -35.56
N ALA A 136 -32.72 16.09 -35.89
CA ALA A 136 -32.61 17.16 -34.91
C ALA A 136 -33.81 17.09 -33.96
N VAL A 137 -33.57 17.34 -32.69
CA VAL A 137 -34.64 17.36 -31.71
C VAL A 137 -34.35 18.47 -30.72
N THR A 138 -35.40 19.10 -30.20
CA THR A 138 -35.25 20.14 -29.20
C THR A 138 -34.57 19.55 -27.96
N ILE A 139 -33.51 20.20 -27.51
CA ILE A 139 -32.73 19.70 -26.38
C ILE A 139 -33.00 20.53 -25.12
N PRO A 140 -33.78 19.96 -24.19
CA PRO A 140 -34.10 20.61 -22.92
C PRO A 140 -32.87 20.72 -22.04
N PRO A 141 -32.89 21.62 -21.04
CA PRO A 141 -31.79 21.68 -20.09
C PRO A 141 -31.80 20.48 -19.16
N PRO A 142 -30.67 20.16 -18.52
CA PRO A 142 -30.63 19.05 -17.57
C PRO A 142 -31.55 19.27 -16.38
N GLY A 143 -31.77 18.23 -15.57
CA GLY A 143 -32.56 18.36 -14.37
C GLY A 143 -31.86 19.23 -13.34
N PHE A 144 -32.52 19.45 -12.21
CA PHE A 144 -31.96 20.32 -11.18
C PHE A 144 -30.97 19.59 -10.28
N ASN A 145 -29.87 20.26 -9.97
CA ASN A 145 -28.90 19.80 -8.98
C ASN A 145 -28.27 18.45 -9.31
N TRP A 146 -27.98 18.23 -10.59
CA TRP A 146 -27.24 17.04 -10.99
C TRP A 146 -25.76 17.28 -10.73
N SER A 147 -25.40 17.31 -9.44
CA SER A 147 -24.04 17.65 -9.03
C SER A 147 -23.52 16.63 -8.01
N TYR A 148 -22.27 16.21 -8.18
CA TYR A 148 -21.68 15.23 -7.27
C TYR A 148 -20.16 15.32 -7.24
N ALA A 149 -19.58 14.75 -6.18
CA ALA A 149 -18.12 14.76 -6.01
C ALA A 149 -17.49 13.54 -6.69
N VAL A 150 -16.39 13.78 -7.40
CA VAL A 150 -15.67 12.71 -8.07
C VAL A 150 -14.51 12.23 -7.20
N THR A 151 -14.55 10.96 -6.83
CA THR A 151 -13.58 10.43 -5.88
C THR A 151 -12.55 9.52 -6.54
N GLU A 152 -12.85 9.05 -7.75
CA GLU A 152 -11.98 8.11 -8.44
C GLU A 152 -12.25 8.05 -9.94
N PHE A 153 -11.31 7.46 -10.68
CA PHE A 153 -11.53 7.15 -12.08
C PHE A 153 -11.21 5.67 -12.32
N THR A 154 -11.87 5.08 -13.30
CA THR A 154 -11.81 3.63 -13.50
C THR A 154 -11.33 3.25 -14.90
N LEU A 155 -10.50 2.20 -14.98
CA LEU A 155 -10.16 1.60 -16.25
C LEU A 155 -11.18 0.54 -16.59
N TYR A 156 -11.83 0.69 -17.75
CA TYR A 156 -12.89 -0.23 -18.16
C TYR A 156 -12.50 -1.05 -19.37
N ALA A 157 -13.18 -2.19 -19.55
CA ALA A 157 -13.03 -3.00 -20.75
C ALA A 157 -14.40 -3.34 -21.29
N SER A 158 -14.66 -2.94 -22.54
CA SER A 158 -15.96 -3.17 -23.15
C SER A 158 -15.98 -4.50 -23.90
N SER A 159 -17.18 -5.04 -24.03
CA SER A 159 -17.40 -6.30 -24.76
C SER A 159 -18.86 -6.35 -25.17
N PHE A 160 -19.11 -6.90 -26.35
CA PHE A 160 -20.44 -6.86 -26.94
C PHE A 160 -20.98 -8.27 -27.10
N ALA A 161 -21.88 -8.66 -26.20
CA ALA A 161 -22.45 -10.01 -26.21
C ALA A 161 -23.47 -10.28 -27.31
N ARG A 162 -24.68 -9.75 -27.16
CA ARG A 162 -25.73 -9.95 -28.16
C ARG A 162 -26.11 -8.68 -28.92
N GLY A 163 -25.18 -7.75 -29.04
CA GLY A 163 -25.51 -6.50 -29.71
C GLY A 163 -25.78 -5.50 -28.60
N ARG A 164 -25.67 -5.99 -27.37
CA ARG A 164 -25.83 -5.16 -26.19
C ARG A 164 -24.45 -4.96 -25.58
N THR A 165 -24.16 -3.71 -25.22
CA THR A 165 -22.87 -3.35 -24.65
C THR A 165 -22.79 -3.54 -23.15
N ARG A 166 -21.77 -4.24 -22.69
CA ARG A 166 -21.54 -4.37 -21.25
C ARG A 166 -20.13 -3.88 -20.90
N TYR A 167 -20.04 -3.01 -19.90
CA TYR A 167 -18.76 -2.52 -19.44
C TYR A 167 -18.29 -3.26 -18.19
N THR A 168 -17.06 -3.75 -18.24
CA THR A 168 -16.48 -4.48 -17.12
C THR A 168 -15.31 -3.71 -16.55
N PRO A 169 -15.40 -3.37 -15.25
CA PRO A 169 -14.31 -2.62 -14.60
C PRO A 169 -13.10 -3.49 -14.32
N LEU A 170 -11.91 -2.92 -14.48
CA LEU A 170 -10.68 -3.67 -14.27
C LEU A 170 -9.86 -3.11 -13.11
N LYS A 171 -9.67 -1.80 -13.10
CA LYS A 171 -8.87 -1.16 -12.06
C LYS A 171 -9.46 0.20 -11.69
N ARG A 172 -9.37 0.55 -10.41
CA ARG A 172 -9.83 1.87 -9.97
C ARG A 172 -8.75 2.62 -9.20
N TRP A 173 -8.63 3.91 -9.44
CA TRP A 173 -7.67 4.76 -8.75
C TRP A 173 -8.36 5.92 -8.07
N ALA A 174 -8.16 6.05 -6.76
CA ALA A 174 -8.75 7.15 -6.01
C ALA A 174 -8.04 8.46 -6.32
N LEU A 175 -8.79 9.56 -6.23
CA LEU A 175 -8.20 10.89 -6.33
C LEU A 175 -7.96 11.38 -4.92
N THR A 176 -6.82 12.04 -4.68
CA THR A 176 -6.49 12.54 -3.36
C THR A 176 -7.62 13.46 -2.88
N GLN A 177 -7.89 13.42 -1.58
CA GLN A 177 -8.96 14.22 -1.00
C GLN A 177 -8.96 14.16 0.53
N SER B 3 -9.34 -6.21 36.93
CA SER B 3 -10.08 -7.38 36.47
C SER B 3 -9.25 -8.19 35.47
N GLU B 4 -9.93 -9.03 34.69
CA GLU B 4 -9.25 -9.88 33.72
C GLU B 4 -8.84 -9.09 32.47
N PRO B 5 -7.70 -9.49 31.86
CA PRO B 5 -7.17 -8.87 30.65
C PRO B 5 -8.12 -8.98 29.45
N GLN B 6 -7.99 -8.05 28.51
CA GLN B 6 -8.77 -8.09 27.28
C GLN B 6 -7.88 -7.97 26.06
N ARG B 7 -8.31 -8.56 24.96
CA ARG B 7 -7.58 -8.47 23.70
C ARG B 7 -8.03 -7.23 22.94
N LEU B 8 -7.24 -6.16 23.03
CA LEU B 8 -7.65 -4.87 22.50
C LEU B 8 -7.00 -4.56 21.16
N PHE B 9 -7.63 -3.64 20.42
CA PHE B 9 -7.03 -3.04 19.24
C PHE B 9 -7.80 -1.78 18.86
N PHE B 10 -7.11 -0.84 18.23
CA PHE B 10 -7.75 0.36 17.70
C PHE B 10 -8.19 0.11 16.26
N ALA B 11 -9.28 0.73 15.85
CA ALA B 11 -9.77 0.51 14.50
C ALA B 11 -10.63 1.67 14.00
N ILE B 12 -10.68 1.80 12.69
CA ILE B 12 -11.61 2.71 12.02
C ILE B 12 -12.74 1.88 11.46
N ASP B 13 -13.97 2.34 11.63
CA ASP B 13 -15.13 1.56 11.19
C ASP B 13 -15.66 2.03 9.84
N LEU B 14 -16.62 1.28 9.32
CA LEU B 14 -17.22 1.57 8.03
C LEU B 14 -18.68 1.95 8.21
N PRO B 15 -19.14 2.98 7.48
CA PRO B 15 -20.56 3.34 7.46
C PRO B 15 -21.43 2.17 7.02
N ALA B 16 -22.66 2.12 7.51
CA ALA B 16 -23.55 0.99 7.25
C ALA B 16 -23.81 0.80 5.76
N GLU B 17 -23.98 1.91 5.04
CA GLU B 17 -24.30 1.86 3.61
C GLU B 17 -23.17 1.25 2.78
N ILE B 18 -21.94 1.44 3.23
CA ILE B 18 -20.78 0.90 2.53
C ILE B 18 -20.55 -0.55 2.93
N ARG B 19 -20.93 -0.89 4.17
CA ARG B 19 -20.86 -2.28 4.62
C ARG B 19 -21.72 -3.16 3.73
N GLU B 20 -22.92 -2.67 3.42
CA GLU B 20 -23.85 -3.41 2.56
C GLU B 20 -23.30 -3.50 1.14
N GLN B 21 -22.68 -2.42 0.67
CA GLN B 21 -22.10 -2.40 -0.67
C GLN B 21 -21.00 -3.44 -0.79
N ILE B 22 -20.24 -3.62 0.30
CA ILE B 22 -19.12 -4.54 0.31
C ILE B 22 -19.56 -6.00 0.38
N ILE B 23 -20.43 -6.32 1.34
CA ILE B 23 -20.88 -7.69 1.52
C ILE B 23 -21.72 -8.20 0.34
N HIS B 24 -22.31 -7.27 -0.40
CA HIS B 24 -23.03 -7.62 -1.61
C HIS B 24 -22.04 -7.86 -2.76
N TRP B 25 -21.03 -7.00 -2.82
CA TRP B 25 -19.96 -7.12 -3.82
C TRP B 25 -19.15 -8.39 -3.60
N ARG B 26 -18.97 -8.76 -2.34
CA ARG B 26 -18.21 -9.94 -1.97
C ARG B 26 -18.95 -11.22 -2.33
N ALA B 27 -20.25 -11.23 -2.11
CA ALA B 27 -21.06 -12.42 -2.37
C ALA B 27 -21.31 -12.67 -3.85
N LYS B 28 -20.85 -11.75 -4.71
CA LYS B 28 -21.05 -11.89 -6.15
C LYS B 28 -19.79 -12.41 -6.84
N HIS B 29 -18.63 -11.94 -6.39
CA HIS B 29 -17.37 -12.29 -7.04
C HIS B 29 -16.60 -13.37 -6.28
N PHE B 30 -17.16 -13.80 -5.16
CA PHE B 30 -16.50 -14.82 -4.34
C PHE B 30 -17.49 -15.89 -3.87
N PRO B 31 -17.27 -17.14 -4.29
CA PRO B 31 -18.07 -18.27 -3.81
C PRO B 31 -17.72 -18.59 -2.35
N PRO B 32 -18.52 -19.43 -1.69
CA PRO B 32 -18.16 -19.85 -0.32
C PRO B 32 -16.84 -20.63 -0.29
N GLU B 33 -16.50 -21.26 -1.41
CA GLU B 33 -15.27 -22.04 -1.54
C GLU B 33 -14.04 -21.15 -1.63
N ALA B 34 -14.25 -19.87 -1.88
CA ALA B 34 -13.14 -18.92 -2.01
C ALA B 34 -12.50 -18.72 -0.65
N GLY B 35 -13.30 -18.83 0.40
CA GLY B 35 -12.84 -18.63 1.76
C GLY B 35 -13.99 -18.35 2.71
N ARG B 36 -13.65 -18.14 3.98
CA ARG B 36 -14.67 -17.88 5.00
C ARG B 36 -14.92 -16.38 5.10
N PRO B 37 -16.16 -15.96 4.83
CA PRO B 37 -16.50 -14.54 4.77
C PRO B 37 -16.56 -13.83 6.12
N VAL B 38 -15.93 -12.67 6.20
CA VAL B 38 -15.97 -11.84 7.39
C VAL B 38 -17.33 -11.18 7.51
N ALA B 39 -17.89 -11.22 8.71
CA ALA B 39 -19.20 -10.66 9.01
C ALA B 39 -19.27 -9.17 8.67
N ALA B 40 -20.47 -8.71 8.33
CA ALA B 40 -20.67 -7.31 7.95
C ALA B 40 -20.27 -6.40 9.10
N ASP B 41 -20.70 -6.76 10.32
CA ASP B 41 -20.41 -5.97 11.50
C ASP B 41 -18.96 -6.12 11.97
N ASN B 42 -18.25 -7.09 11.39
CA ASN B 42 -16.86 -7.32 11.78
C ASN B 42 -15.88 -6.69 10.80
N LEU B 43 -16.40 -6.11 9.73
CA LEU B 43 -15.57 -5.42 8.75
C LEU B 43 -15.00 -4.15 9.36
N HIS B 44 -13.68 -4.00 9.33
CA HIS B 44 -13.03 -2.86 9.94
C HIS B 44 -11.61 -2.63 9.42
N LEU B 45 -11.01 -1.51 9.82
CA LEU B 45 -9.62 -1.22 9.48
C LEU B 45 -8.83 -1.03 10.77
N THR B 46 -8.04 -2.04 11.13
CA THR B 46 -7.28 -2.00 12.37
C THR B 46 -6.14 -0.99 12.30
N LEU B 47 -6.09 -0.08 13.26
CA LEU B 47 -5.05 0.95 13.32
C LEU B 47 -3.84 0.47 14.11
N ALA B 48 -4.08 -0.33 15.14
CA ALA B 48 -3.02 -0.87 15.99
C ALA B 48 -3.56 -2.02 16.82
N PHE B 49 -2.90 -3.17 16.74
CA PHE B 49 -3.30 -4.34 17.52
C PHE B 49 -2.52 -4.41 18.82
N LEU B 50 -3.22 -4.53 19.93
CA LEU B 50 -2.58 -4.46 21.25
C LEU B 50 -2.46 -5.81 21.94
N GLY B 51 -3.29 -6.77 21.54
CA GLY B 51 -3.30 -8.07 22.17
C GLY B 51 -3.78 -8.05 23.62
N GLU B 52 -3.41 -9.06 24.38
CA GLU B 52 -3.84 -9.16 25.78
C GLU B 52 -3.23 -8.03 26.60
N VAL B 53 -4.08 -7.16 27.13
CA VAL B 53 -3.65 -6.00 27.90
C VAL B 53 -4.34 -5.98 29.26
N SER B 54 -3.58 -5.75 30.32
CA SER B 54 -4.16 -5.64 31.65
C SER B 54 -5.04 -4.40 31.72
N ALA B 55 -5.94 -4.36 32.70
CA ALA B 55 -6.83 -3.22 32.86
C ALA B 55 -6.06 -1.94 33.17
N GLU B 56 -4.96 -2.07 33.88
CA GLU B 56 -4.14 -0.93 34.27
C GLU B 56 -3.41 -0.32 33.07
N LYS B 57 -2.85 -1.18 32.22
CA LYS B 57 -2.10 -0.74 31.06
C LYS B 57 -3.07 -0.24 30.00
N GLU B 58 -4.25 -0.83 29.97
CA GLU B 58 -5.34 -0.41 29.10
C GLU B 58 -5.74 1.05 29.35
N LYS B 59 -5.85 1.39 30.63
CA LYS B 59 -6.24 2.74 31.04
C LYS B 59 -5.24 3.79 30.57
N ALA B 60 -3.96 3.46 30.66
CA ALA B 60 -2.89 4.36 30.25
C ALA B 60 -2.91 4.61 28.75
N LEU B 61 -3.31 3.60 28.00
CA LEU B 61 -3.37 3.71 26.54
C LEU B 61 -4.54 4.60 26.12
N SER B 62 -5.66 4.49 26.84
CA SER B 62 -6.84 5.29 26.55
C SER B 62 -6.60 6.77 26.82
N LEU B 63 -5.70 7.05 27.75
CA LEU B 63 -5.35 8.44 28.08
C LEU B 63 -4.43 9.00 27.00
N LEU B 64 -3.49 8.19 26.53
CA LEU B 64 -2.58 8.59 25.47
C LEU B 64 -3.37 8.80 24.18
N ALA B 65 -4.45 8.03 24.03
CA ALA B 65 -5.32 8.15 22.86
C ALA B 65 -6.14 9.43 22.93
N GLY B 66 -6.45 9.87 24.16
CA GLY B 66 -7.25 11.05 24.37
C GLY B 66 -6.44 12.31 24.13
N ARG B 67 -5.14 12.14 23.97
CA ARG B 67 -4.25 13.26 23.71
C ARG B 67 -4.07 13.55 22.23
N ILE B 68 -4.58 12.67 21.39
CA ILE B 68 -4.40 12.84 19.96
C ILE B 68 -5.24 13.99 19.43
N ARG B 69 -4.59 14.91 18.72
CA ARG B 69 -5.26 16.02 18.10
C ARG B 69 -4.97 15.95 16.60
N GLN B 70 -5.97 15.52 15.83
CA GLN B 70 -5.79 15.29 14.40
C GLN B 70 -7.00 15.59 13.55
N PRO B 71 -6.79 16.30 12.44
CA PRO B 71 -7.86 16.53 11.46
C PRO B 71 -8.38 15.22 10.89
N GLY B 72 -9.68 15.18 10.55
CA GLY B 72 -10.27 14.01 9.95
C GLY B 72 -9.80 13.82 8.52
N PHE B 73 -10.14 12.68 7.92
CA PHE B 73 -9.73 12.40 6.56
C PHE B 73 -10.73 11.51 5.83
N THR B 74 -10.58 11.43 4.50
CA THR B 74 -11.48 10.65 3.66
C THR B 74 -10.81 9.37 3.17
N LEU B 75 -11.53 8.26 3.25
CA LEU B 75 -11.04 6.98 2.75
C LEU B 75 -11.78 6.59 1.48
N THR B 76 -11.05 6.42 0.39
CA THR B 76 -11.64 5.87 -0.82
C THR B 76 -11.02 4.51 -1.11
N LEU B 77 -11.85 3.46 -1.00
CA LEU B 77 -11.37 2.10 -1.15
C LEU B 77 -11.29 1.71 -2.62
N ASP B 78 -10.14 1.99 -3.22
CA ASP B 78 -9.95 1.79 -4.65
C ASP B 78 -9.20 0.49 -4.95
N ASP B 79 -8.82 -0.21 -3.90
CA ASP B 79 -7.95 -1.38 -4.04
C ASP B 79 -8.50 -2.62 -3.36
N ALA B 80 -8.32 -3.76 -4.01
CA ALA B 80 -8.62 -5.05 -3.42
C ALA B 80 -7.55 -6.05 -3.82
N GLY B 81 -7.20 -6.96 -2.93
CA GLY B 81 -6.12 -7.89 -3.22
C GLY B 81 -6.15 -9.16 -2.38
N GLN B 82 -5.07 -9.92 -2.47
CA GLN B 82 -4.97 -11.20 -1.79
C GLN B 82 -3.56 -11.46 -1.26
N TRP B 83 -3.47 -11.81 0.02
CA TRP B 83 -2.21 -12.25 0.60
C TRP B 83 -2.27 -13.77 0.79
N LEU B 84 -1.42 -14.49 0.06
CA LEU B 84 -1.53 -15.94 -0.07
C LEU B 84 -1.07 -16.70 1.17
N ARG B 85 -0.01 -16.22 1.81
CA ARG B 85 0.54 -16.88 2.98
C ARG B 85 -0.43 -16.82 4.15
N SER B 86 -0.98 -15.65 4.40
CA SER B 86 -1.91 -15.44 5.52
C SER B 86 -3.31 -15.93 5.20
N ARG B 87 -3.53 -16.30 3.94
CA ARG B 87 -4.82 -16.83 3.47
C ARG B 87 -5.97 -15.84 3.73
N VAL B 88 -5.80 -14.61 3.25
CA VAL B 88 -6.83 -13.59 3.41
C VAL B 88 -7.07 -12.81 2.12
N VAL B 89 -8.31 -12.42 1.88
CA VAL B 89 -8.67 -11.51 0.81
C VAL B 89 -9.03 -10.15 1.42
N TRP B 90 -8.25 -9.12 1.09
CA TRP B 90 -8.42 -7.84 1.74
C TRP B 90 -8.91 -6.75 0.81
N LEU B 91 -9.47 -5.71 1.41
CA LEU B 91 -9.87 -4.51 0.69
C LEU B 91 -9.05 -3.36 1.25
N GLY B 92 -8.57 -2.47 0.40
CA GLY B 92 -7.72 -1.40 0.86
C GLY B 92 -7.63 -0.17 -0.02
N MET B 93 -6.51 0.54 0.06
N MET B 93 -6.53 0.55 0.10
CA MET B 93 -6.33 1.77 -0.69
CA MET B 93 -6.29 1.74 -0.69
C MET B 93 -4.93 1.84 -1.29
C MET B 93 -4.93 1.65 -1.38
N ARG B 94 -4.85 2.22 -2.57
CA ARG B 94 -3.59 2.27 -3.30
C ARG B 94 -2.64 3.25 -2.62
N GLN B 95 -3.11 4.48 -2.46
CA GLN B 95 -2.35 5.52 -1.77
C GLN B 95 -3.14 5.99 -0.56
N PRO B 96 -2.96 5.31 0.59
CA PRO B 96 -3.66 5.66 1.82
C PRO B 96 -3.41 7.11 2.21
N PRO B 97 -4.43 7.80 2.72
CA PRO B 97 -4.22 9.21 3.09
C PRO B 97 -3.24 9.31 4.24
N ARG B 98 -2.43 10.36 4.23
CA ARG B 98 -1.39 10.56 5.25
C ARG B 98 -2.00 10.62 6.66
N GLY B 99 -3.22 11.11 6.75
CA GLY B 99 -3.94 11.16 8.02
C GLY B 99 -4.16 9.79 8.63
N LEU B 100 -4.34 8.79 7.77
CA LEU B 100 -4.53 7.41 8.22
C LEU B 100 -3.22 6.83 8.74
N ILE B 101 -2.14 7.04 7.97
CA ILE B 101 -0.82 6.55 8.35
C ILE B 101 -0.32 7.20 9.64
N GLN B 102 -0.56 8.51 9.76
CA GLN B 102 -0.09 9.27 10.91
C GLN B 102 -0.79 8.83 12.19
N LEU B 103 -2.10 8.62 12.10
CA LEU B 103 -2.91 8.22 13.25
C LEU B 103 -2.48 6.83 13.72
N ALA B 104 -2.21 5.96 12.76
CA ALA B 104 -1.82 4.58 13.05
C ALA B 104 -0.45 4.58 13.72
N ASN B 105 0.49 5.30 13.11
CA ASN B 105 1.86 5.35 13.60
C ASN B 105 1.94 5.86 15.04
N MET B 106 1.04 6.79 15.37
CA MET B 106 0.99 7.37 16.71
C MET B 106 0.50 6.37 17.76
N LEU B 107 -0.49 5.56 17.39
CA LEU B 107 -1.03 4.57 18.30
C LEU B 107 -0.07 3.39 18.44
N ARG B 108 0.60 3.06 17.34
CA ARG B 108 1.62 2.03 17.33
C ARG B 108 2.81 2.46 18.17
N SER B 109 3.10 3.76 18.15
CA SER B 109 4.22 4.32 18.91
C SER B 109 3.90 4.41 20.40
N GLN B 110 2.69 4.85 20.73
CA GLN B 110 2.28 4.99 22.12
C GLN B 110 2.23 3.63 22.81
N ALA B 111 1.89 2.61 22.02
CA ALA B 111 1.89 1.24 22.53
C ALA B 111 3.32 0.76 22.67
N ALA B 112 4.16 1.15 21.72
CA ALA B 112 5.56 0.75 21.68
C ALA B 112 6.40 1.32 22.83
N ARG B 113 5.87 2.32 23.51
CA ARG B 113 6.61 2.93 24.63
C ARG B 113 6.11 2.38 25.96
N SER B 114 4.85 1.97 26.01
CA SER B 114 4.25 1.48 27.24
C SER B 114 4.63 0.03 27.52
N GLY B 115 5.04 -0.68 26.48
CA GLY B 115 5.49 -2.06 26.64
C GLY B 115 4.60 -3.09 25.96
N CYS B 116 4.10 -2.73 24.77
CA CYS B 116 3.31 -3.66 23.97
C CYS B 116 4.17 -4.32 22.91
N PHE B 117 3.76 -5.49 22.44
CA PHE B 117 4.50 -6.21 21.42
C PHE B 117 4.38 -5.54 20.05
N GLN B 118 5.35 -5.80 19.19
CA GLN B 118 5.32 -5.32 17.82
C GLN B 118 5.76 -6.42 16.87
N SER B 119 5.05 -6.57 15.76
CA SER B 119 5.43 -7.56 14.75
C SER B 119 6.50 -6.97 13.83
N ASN B 120 6.73 -5.67 13.98
CA ASN B 120 7.72 -4.93 13.19
C ASN B 120 7.46 -4.97 11.69
N ARG B 121 6.29 -5.47 11.30
CA ARG B 121 5.83 -5.37 9.93
C ARG B 121 5.26 -3.98 9.74
N PRO B 122 5.73 -3.25 8.71
CA PRO B 122 5.26 -1.89 8.44
C PRO B 122 3.75 -1.84 8.28
N PHE B 123 3.17 -0.65 8.47
CA PHE B 123 1.71 -0.51 8.48
C PHE B 123 1.12 -0.62 7.08
N HIS B 124 0.38 -1.70 6.84
CA HIS B 124 -0.29 -1.91 5.57
C HIS B 124 -1.81 -1.93 5.77
N PRO B 125 -2.43 -0.75 5.77
CA PRO B 125 -3.86 -0.58 6.06
C PRO B 125 -4.76 -1.39 5.11
N HIS B 126 -5.69 -2.14 5.68
CA HIS B 126 -6.54 -3.04 4.90
C HIS B 126 -7.81 -3.43 5.64
N ILE B 127 -8.79 -3.93 4.89
CA ILE B 127 -10.02 -4.46 5.47
C ILE B 127 -10.22 -5.90 5.00
N THR B 128 -10.10 -6.86 5.93
CA THR B 128 -10.17 -8.27 5.58
C THR B 128 -11.59 -8.67 5.20
N LEU B 129 -11.74 -9.30 4.03
CA LEU B 129 -13.04 -9.69 3.52
C LEU B 129 -13.28 -11.19 3.68
N LEU B 130 -12.24 -11.97 3.41
CA LEU B 130 -12.31 -13.42 3.52
C LEU B 130 -11.14 -13.98 4.30
N ARG B 131 -11.41 -14.97 5.15
CA ARG B 131 -10.35 -15.71 5.81
C ARG B 131 -10.35 -17.14 5.31
N ASP B 132 -9.22 -17.83 5.49
CA ASP B 132 -9.03 -19.19 5.00
C ASP B 132 -9.14 -19.21 3.48
N ALA B 133 -8.72 -18.12 2.86
CA ALA B 133 -8.70 -18.01 1.40
C ALA B 133 -7.37 -18.54 0.90
N SER B 134 -7.23 -19.85 0.98
CA SER B 134 -5.98 -20.52 0.67
C SER B 134 -5.67 -20.56 -0.83
N GLU B 135 -6.68 -20.84 -1.64
CA GLU B 135 -6.50 -20.87 -3.08
C GLU B 135 -6.37 -19.46 -3.67
N ALA B 136 -5.61 -19.35 -4.75
CA ALA B 136 -5.52 -18.09 -5.47
C ALA B 136 -6.83 -17.86 -6.21
N VAL B 137 -7.28 -16.61 -6.24
CA VAL B 137 -8.52 -16.28 -6.93
C VAL B 137 -8.34 -14.97 -7.68
N THR B 138 -9.02 -14.84 -8.82
CA THR B 138 -9.01 -13.58 -9.55
C THR B 138 -9.63 -12.51 -8.64
N ILE B 139 -8.92 -11.40 -8.49
CA ILE B 139 -9.37 -10.36 -7.59
C ILE B 139 -9.91 -9.15 -8.35
N PRO B 140 -11.24 -9.02 -8.39
CA PRO B 140 -11.88 -7.90 -9.06
C PRO B 140 -11.61 -6.59 -8.33
N PRO B 141 -11.74 -5.45 -9.03
CA PRO B 141 -11.62 -4.17 -8.34
C PRO B 141 -12.83 -3.93 -7.45
N PRO B 142 -12.71 -3.05 -6.45
CA PRO B 142 -13.82 -2.70 -5.57
C PRO B 142 -14.99 -2.05 -6.31
N GLY B 143 -16.12 -1.91 -5.66
CA GLY B 143 -17.25 -1.21 -6.25
C GLY B 143 -16.97 0.27 -6.44
N PHE B 144 -17.91 0.99 -7.03
CA PHE B 144 -17.71 2.40 -7.32
C PHE B 144 -18.04 3.29 -6.13
N ASN B 145 -17.21 4.30 -5.93
CA ASN B 145 -17.46 5.37 -4.97
C ASN B 145 -17.58 4.87 -3.53
N TRP B 146 -16.77 3.89 -3.17
CA TRP B 146 -16.68 3.44 -1.78
C TRP B 146 -15.83 4.44 -1.02
N SER B 147 -16.38 5.63 -0.79
CA SER B 147 -15.64 6.73 -0.20
C SER B 147 -16.42 7.37 0.94
N TYR B 148 -15.72 7.64 2.04
CA TYR B 148 -16.37 8.25 3.21
C TYR B 148 -15.37 8.99 4.08
N ALA B 149 -15.88 9.91 4.90
CA ALA B 149 -15.05 10.69 5.81
C ALA B 149 -14.90 10.00 7.15
N VAL B 150 -13.68 9.97 7.67
CA VAL B 150 -13.42 9.35 8.96
C VAL B 150 -13.46 10.41 10.07
N THR B 151 -14.39 10.25 11.00
CA THR B 151 -14.62 11.26 12.03
C THR B 151 -14.08 10.84 13.39
N GLU B 152 -13.83 9.55 13.56
CA GLU B 152 -13.37 9.03 14.84
C GLU B 152 -12.68 7.68 14.72
N PHE B 153 -11.97 7.29 15.78
CA PHE B 153 -11.44 5.94 15.90
C PHE B 153 -11.84 5.34 17.26
N THR B 154 -11.96 4.02 17.30
CA THR B 154 -12.53 3.34 18.45
C THR B 154 -11.57 2.31 19.03
N LEU B 155 -11.53 2.22 20.35
CA LEU B 155 -10.83 1.13 21.02
C LEU B 155 -11.77 -0.06 21.15
N TYR B 156 -11.35 -1.19 20.60
CA TYR B 156 -12.20 -2.39 20.60
C TYR B 156 -11.62 -3.50 21.47
N ALA B 157 -12.49 -4.41 21.88
CA ALA B 157 -12.07 -5.62 22.58
C ALA B 157 -12.73 -6.82 21.93
N SER B 158 -11.91 -7.74 21.44
CA SER B 158 -12.44 -8.91 20.75
C SER B 158 -12.68 -10.05 21.72
N SER B 159 -13.64 -10.90 21.38
CA SER B 159 -14.00 -12.05 22.20
C SER B 159 -14.74 -13.06 21.34
N PHE B 160 -14.59 -14.34 21.63
CA PHE B 160 -15.20 -15.35 20.78
C PHE B 160 -16.30 -16.09 21.53
N ALA B 161 -17.53 -15.64 21.33
CA ALA B 161 -18.72 -16.28 21.88
C ALA B 161 -19.60 -16.87 20.79
N ARG B 162 -20.22 -18.01 21.10
CA ARG B 162 -21.20 -18.65 20.22
C ARG B 162 -20.78 -18.96 18.79
N GLY B 163 -19.47 -19.08 18.55
CA GLY B 163 -18.96 -19.46 17.24
C GLY B 163 -18.58 -18.30 16.34
N ARG B 164 -18.93 -17.09 16.77
CA ARG B 164 -18.57 -15.87 16.05
C ARG B 164 -17.66 -14.98 16.86
N THR B 165 -16.70 -14.35 16.18
CA THR B 165 -15.83 -13.41 16.86
C THR B 165 -16.61 -12.11 16.98
N ARG B 166 -16.63 -11.55 18.19
CA ARG B 166 -17.37 -10.32 18.43
C ARG B 166 -16.48 -9.18 18.89
N TYR B 167 -16.64 -8.02 18.26
CA TYR B 167 -15.91 -6.82 18.64
C TYR B 167 -16.80 -5.92 19.49
N THR B 168 -16.30 -5.54 20.66
CA THR B 168 -17.05 -4.68 21.56
C THR B 168 -16.32 -3.35 21.73
N PRO B 169 -17.01 -2.25 21.38
CA PRO B 169 -16.37 -0.94 21.51
C PRO B 169 -16.31 -0.51 22.98
N LEU B 170 -15.22 0.16 23.34
CA LEU B 170 -15.00 0.57 24.73
C LEU B 170 -14.97 2.10 24.80
N LYS B 171 -14.20 2.70 23.90
CA LYS B 171 -14.07 4.15 23.86
C LYS B 171 -13.94 4.65 22.42
N ARG B 172 -14.51 5.82 22.15
CA ARG B 172 -14.37 6.45 20.85
C ARG B 172 -13.80 7.85 21.01
N TRP B 173 -12.90 8.22 20.10
CA TRP B 173 -12.30 9.55 20.12
C TRP B 173 -12.56 10.23 18.79
N ALA B 174 -13.19 11.40 18.81
CA ALA B 174 -13.46 12.12 17.57
C ALA B 174 -12.19 12.73 16.99
N LEU B 175 -12.13 12.79 15.66
CA LEU B 175 -11.06 13.52 15.01
C LEU B 175 -11.58 14.89 14.61
N THR B 176 -10.79 15.93 14.88
CA THR B 176 -11.16 17.30 14.53
C THR B 176 -11.36 17.44 13.02
N GLN B 177 -12.24 18.35 12.61
CA GLN B 177 -12.43 18.65 11.18
C GLN B 177 -13.31 19.89 11.02
N SER C 3 5.15 -23.40 -18.25
CA SER C 3 3.75 -23.82 -18.14
C SER C 3 2.97 -22.87 -17.24
N GLU C 4 2.02 -23.43 -16.50
CA GLU C 4 1.19 -22.65 -15.59
C GLU C 4 1.99 -22.31 -14.34
N PRO C 5 1.73 -21.14 -13.74
CA PRO C 5 2.43 -20.73 -12.51
C PRO C 5 2.21 -21.71 -11.37
N GLN C 6 3.15 -21.77 -10.44
CA GLN C 6 2.99 -22.62 -9.26
C GLN C 6 3.19 -21.82 -7.98
N ARG C 7 2.49 -22.22 -6.93
CA ARG C 7 2.65 -21.58 -5.63
C ARG C 7 3.73 -22.31 -4.83
N LEU C 8 4.93 -21.74 -4.84
CA LEU C 8 6.10 -22.41 -4.29
C LEU C 8 6.52 -21.87 -2.92
N PHE C 9 7.26 -22.70 -2.19
CA PHE C 9 7.94 -22.28 -0.97
C PHE C 9 9.02 -23.30 -0.57
N PHE C 10 10.06 -22.83 0.12
CA PHE C 10 11.07 -23.73 0.67
C PHE C 10 10.67 -24.12 2.09
N ALA C 11 11.04 -25.32 2.50
CA ALA C 11 10.66 -25.79 3.83
C ALA C 11 11.58 -26.87 4.38
N ILE C 12 11.61 -26.97 5.71
CA ILE C 12 12.25 -28.08 6.39
C ILE C 12 11.16 -29.03 6.88
N ASP C 13 11.35 -30.33 6.70
CA ASP C 13 10.33 -31.29 7.06
C ASP C 13 10.61 -31.96 8.41
N LEU C 14 9.64 -32.76 8.85
CA LEU C 14 9.72 -33.46 10.14
C LEU C 14 9.81 -34.95 9.93
N PRO C 15 10.66 -35.63 10.73
CA PRO C 15 10.73 -37.09 10.74
C PRO C 15 9.36 -37.68 11.06
N ALA C 16 9.07 -38.87 10.56
CA ALA C 16 7.75 -39.47 10.71
C ALA C 16 7.33 -39.68 12.16
N GLU C 17 8.26 -40.16 12.98
CA GLU C 17 7.94 -40.48 14.36
C GLU C 17 7.64 -39.21 15.15
N ILE C 18 8.25 -38.09 14.73
CA ILE C 18 8.05 -36.82 15.43
C ILE C 18 6.75 -36.17 14.98
N ARG C 19 6.36 -36.38 13.74
CA ARG C 19 5.05 -35.92 13.28
C ARG C 19 3.94 -36.61 14.07
N GLU C 20 4.12 -37.91 14.29
CA GLU C 20 3.14 -38.69 15.03
C GLU C 20 3.09 -38.24 16.50
N GLN C 21 4.27 -37.94 17.04
CA GLN C 21 4.37 -37.46 18.42
C GLN C 21 3.65 -36.14 18.61
N ILE C 22 3.73 -35.29 17.60
CA ILE C 22 3.14 -33.96 17.65
C ILE C 22 1.62 -34.00 17.52
N ILE C 23 1.13 -34.70 16.49
CA ILE C 23 -0.31 -34.76 16.23
C ILE C 23 -1.06 -35.50 17.33
N HIS C 24 -0.37 -36.34 18.09
CA HIS C 24 -0.97 -36.98 19.25
C HIS C 24 -1.01 -36.01 20.41
N TRP C 25 0.06 -35.23 20.54
CA TRP C 25 0.18 -34.19 21.56
C TRP C 25 -0.84 -33.08 21.32
N ARG C 26 -1.11 -32.82 20.05
CA ARG C 26 -2.06 -31.80 19.64
C ARG C 26 -3.50 -32.21 19.92
N ALA C 27 -3.81 -33.49 19.66
CA ALA C 27 -5.15 -34.01 19.85
C ALA C 27 -5.49 -34.22 21.32
N LYS C 28 -4.50 -34.01 22.19
CA LYS C 28 -4.69 -34.19 23.61
C LYS C 28 -4.90 -32.85 24.33
N HIS C 29 -4.17 -31.84 23.89
CA HIS C 29 -4.19 -30.54 24.56
C HIS C 29 -5.01 -29.48 23.82
N PHE C 30 -5.58 -29.86 22.67
CA PHE C 30 -6.38 -28.92 21.90
C PHE C 30 -7.68 -29.53 21.37
N PRO C 31 -8.82 -29.00 21.84
CA PRO C 31 -10.15 -29.37 21.34
C PRO C 31 -10.39 -28.82 19.94
N PRO C 32 -11.45 -29.29 19.25
CA PRO C 32 -11.81 -28.74 17.94
C PRO C 32 -12.17 -27.25 18.03
N GLU C 33 -12.60 -26.82 19.21
CA GLU C 33 -13.00 -25.43 19.42
C GLU C 33 -11.80 -24.49 19.41
N ALA C 34 -10.60 -25.06 19.56
CA ALA C 34 -9.37 -24.27 19.59
C ALA C 34 -9.02 -23.73 18.21
N GLY C 35 -9.33 -24.49 17.16
CA GLY C 35 -8.99 -24.11 15.81
C GLY C 35 -8.95 -25.28 14.85
N ARG C 36 -8.57 -25.01 13.61
CA ARG C 36 -8.49 -26.04 12.58
C ARG C 36 -7.12 -26.71 12.57
N PRO C 37 -7.09 -28.03 12.78
CA PRO C 37 -5.83 -28.76 12.88
C PRO C 37 -5.16 -28.95 11.53
N VAL C 38 -3.86 -28.69 11.47
CA VAL C 38 -3.08 -28.89 10.26
C VAL C 38 -2.87 -30.39 10.03
N ALA C 39 -3.08 -30.83 8.80
CA ALA C 39 -2.93 -32.24 8.47
C ALA C 39 -1.54 -32.75 8.84
N ALA C 40 -1.43 -34.04 9.15
CA ALA C 40 -0.17 -34.61 9.62
C ALA C 40 0.94 -34.49 8.58
N ASP C 41 0.62 -34.80 7.33
CA ASP C 41 1.59 -34.75 6.25
C ASP C 41 1.92 -33.31 5.81
N ASN C 42 1.16 -32.35 6.32
CA ASN C 42 1.34 -30.95 5.95
C ASN C 42 2.18 -30.16 6.95
N LEU C 43 2.56 -30.79 8.04
CA LEU C 43 3.37 -30.13 9.07
C LEU C 43 4.78 -29.87 8.56
N HIS C 44 5.23 -28.62 8.65
CA HIS C 44 6.53 -28.23 8.14
C HIS C 44 7.01 -26.91 8.73
N LEU C 45 8.26 -26.56 8.43
CA LEU C 45 8.84 -25.29 8.84
C LEU C 45 9.23 -24.51 7.59
N THR C 46 8.44 -23.52 7.23
CA THR C 46 8.68 -22.75 6.02
C THR C 46 9.92 -21.88 6.15
N LEU C 47 10.85 -22.03 5.21
CA LEU C 47 12.07 -21.23 5.18
C LEU C 47 11.87 -19.96 4.36
N ALA C 48 11.05 -20.07 3.32
CA ALA C 48 10.77 -18.93 2.46
C ALA C 48 9.52 -19.17 1.60
N PHE C 49 8.56 -18.25 1.66
CA PHE C 49 7.35 -18.35 0.86
C PHE C 49 7.53 -17.52 -0.42
N LEU C 50 7.25 -18.15 -1.56
CA LEU C 50 7.54 -17.53 -2.85
C LEU C 50 6.27 -17.03 -3.54
N GLY C 51 5.12 -17.55 -3.13
CA GLY C 51 3.87 -17.21 -3.78
C GLY C 51 3.85 -17.75 -5.20
N GLU C 52 2.98 -17.19 -6.03
CA GLU C 52 2.86 -17.65 -7.41
C GLU C 52 4.13 -17.35 -8.20
N VAL C 53 4.79 -18.40 -8.67
CA VAL C 53 6.03 -18.25 -9.41
C VAL C 53 5.91 -18.94 -10.77
N SER C 54 6.29 -18.23 -11.82
CA SER C 54 6.27 -18.81 -13.15
C SER C 54 7.32 -19.91 -13.26
N ALA C 55 7.16 -20.76 -14.27
CA ALA C 55 8.11 -21.85 -14.50
C ALA C 55 9.49 -21.30 -14.81
N GLU C 56 9.53 -20.11 -15.42
CA GLU C 56 10.78 -19.49 -15.83
C GLU C 56 11.64 -19.06 -14.63
N LYS C 57 11.01 -18.40 -13.66
CA LYS C 57 11.73 -17.93 -12.48
C LYS C 57 12.01 -19.07 -11.50
N GLU C 58 11.11 -20.06 -11.50
CA GLU C 58 11.27 -21.24 -10.67
C GLU C 58 12.59 -21.94 -10.96
N LYS C 59 12.92 -22.04 -12.25
CA LYS C 59 14.16 -22.66 -12.68
C LYS C 59 15.36 -21.90 -12.13
N ALA C 60 15.29 -20.58 -12.17
CA ALA C 60 16.37 -19.73 -11.66
C ALA C 60 16.50 -19.84 -10.15
N LEU C 61 15.37 -20.02 -9.47
CA LEU C 61 15.37 -20.16 -8.01
C LEU C 61 15.95 -21.50 -7.60
N SER C 62 15.63 -22.54 -8.37
CA SER C 62 16.12 -23.88 -8.09
C SER C 62 17.64 -23.96 -8.27
N LEU C 63 18.17 -23.11 -9.15
CA LEU C 63 19.61 -23.05 -9.39
C LEU C 63 20.32 -22.31 -8.28
N LEU C 64 19.75 -21.19 -7.83
CA LEU C 64 20.34 -20.40 -6.77
C LEU C 64 20.37 -21.15 -5.45
N ALA C 65 19.37 -22.01 -5.25
CA ALA C 65 19.30 -22.82 -4.05
C ALA C 65 20.35 -23.93 -4.09
N GLY C 66 20.67 -24.39 -5.29
CA GLY C 66 21.64 -25.45 -5.48
C GLY C 66 23.06 -24.99 -5.35
N ARG C 67 23.26 -23.67 -5.29
CA ARG C 67 24.59 -23.11 -5.19
C ARG C 67 24.97 -22.95 -3.72
N ILE C 68 24.00 -23.22 -2.85
CA ILE C 68 24.17 -23.11 -1.40
C ILE C 68 25.06 -24.19 -0.78
N ARG C 69 26.03 -23.76 0.01
CA ARG C 69 26.92 -24.67 0.76
C ARG C 69 26.78 -24.40 2.25
N GLN C 70 26.09 -25.29 2.97
CA GLN C 70 25.87 -25.08 4.39
C GLN C 70 25.83 -26.37 5.20
N PRO C 71 26.58 -26.41 6.31
CA PRO C 71 26.56 -27.54 7.24
C PRO C 71 25.18 -27.79 7.84
N GLY C 72 24.88 -29.04 8.16
CA GLY C 72 23.61 -29.39 8.78
C GLY C 72 23.54 -28.91 10.22
N PHE C 73 22.35 -29.00 10.80
CA PHE C 73 22.14 -28.56 12.18
C PHE C 73 21.03 -29.38 12.83
N THR C 74 20.91 -29.26 14.15
CA THR C 74 19.90 -30.00 14.90
C THR C 74 18.80 -29.07 15.37
N LEU C 75 17.55 -29.50 15.19
CA LEU C 75 16.40 -28.74 15.67
C LEU C 75 15.75 -29.40 16.88
N THR C 76 15.68 -28.67 17.98
CA THR C 76 14.96 -29.12 19.17
C THR C 76 13.78 -28.20 19.42
N LEU C 77 12.57 -28.73 19.27
CA LEU C 77 11.36 -27.92 19.40
C LEU C 77 10.97 -27.77 20.87
N ASP C 78 11.51 -26.74 21.51
CA ASP C 78 11.30 -26.53 22.94
C ASP C 78 10.23 -25.48 23.23
N ASP C 79 9.67 -24.90 22.17
CA ASP C 79 8.74 -23.80 22.33
C ASP C 79 7.43 -24.03 21.57
N ALA C 80 6.33 -23.62 22.18
CA ALA C 80 5.03 -23.62 21.53
C ALA C 80 4.27 -22.37 21.95
N GLY C 81 3.50 -21.80 21.03
CA GLY C 81 2.80 -20.56 21.34
C GLY C 81 1.62 -20.24 20.45
N GLN C 82 1.12 -19.01 20.58
CA GLN C 82 -0.06 -18.56 19.85
C GLN C 82 0.08 -17.11 19.41
N TRP C 83 -0.17 -16.84 18.14
CA TRP C 83 -0.22 -15.48 17.65
C TRP C 83 -1.68 -15.09 17.48
N LEU C 84 -2.12 -14.11 18.26
CA LEU C 84 -3.54 -13.85 18.44
C LEU C 84 -4.17 -13.19 17.21
N ARG C 85 -3.43 -12.29 16.58
CA ARG C 85 -3.95 -11.61 15.39
C ARG C 85 -4.03 -12.59 14.22
N SER C 86 -2.99 -13.38 14.02
CA SER C 86 -2.90 -14.30 12.90
C SER C 86 -3.72 -15.57 13.13
N ARG C 87 -4.22 -15.73 14.37
CA ARG C 87 -5.05 -16.87 14.73
C ARG C 87 -4.37 -18.21 14.47
N VAL C 88 -3.16 -18.38 15.01
CA VAL C 88 -2.43 -19.63 14.84
C VAL C 88 -1.80 -20.15 16.12
N VAL C 89 -1.77 -21.47 16.25
CA VAL C 89 -1.01 -22.12 17.32
C VAL C 89 0.22 -22.78 16.69
N TRP C 90 1.40 -22.32 17.07
CA TRP C 90 2.63 -22.77 16.40
C TRP C 90 3.56 -23.58 17.29
N LEU C 91 4.46 -24.30 16.64
CA LEU C 91 5.54 -25.01 17.33
C LEU C 91 6.86 -24.42 16.85
N GLY C 92 7.81 -24.23 17.75
CA GLY C 92 9.07 -23.62 17.37
C GLY C 92 10.23 -23.91 18.29
N MET C 93 11.20 -23.00 18.30
N MET C 93 11.21 -23.00 18.28
CA MET C 93 12.42 -23.16 19.09
CA MET C 93 12.40 -23.14 19.10
C MET C 93 12.83 -21.85 19.78
C MET C 93 12.69 -21.83 19.83
N ARG C 94 13.16 -21.94 21.06
CA ARG C 94 13.54 -20.78 21.85
C ARG C 94 14.78 -20.10 21.29
N GLN C 95 15.85 -20.86 21.16
CA GLN C 95 17.08 -20.34 20.57
C GLN C 95 17.43 -21.13 19.32
N PRO C 96 16.85 -20.74 18.17
CA PRO C 96 17.09 -21.41 16.89
C PRO C 96 18.56 -21.41 16.52
N PRO C 97 19.04 -22.51 15.94
CA PRO C 97 20.45 -22.60 15.57
C PRO C 97 20.78 -21.61 14.46
N ARG C 98 21.98 -21.06 14.47
CA ARG C 98 22.39 -20.08 13.47
C ARG C 98 22.25 -20.65 12.06
N GLY C 99 22.44 -21.96 11.94
CA GLY C 99 22.28 -22.64 10.67
C GLY C 99 20.89 -22.54 10.08
N LEU C 100 19.88 -22.50 10.96
CA LEU C 100 18.50 -22.36 10.51
C LEU C 100 18.22 -20.95 10.00
N ILE C 101 18.67 -19.96 10.77
CA ILE C 101 18.50 -18.55 10.42
C ILE C 101 19.26 -18.24 9.14
N GLN C 102 20.46 -18.81 9.02
CA GLN C 102 21.34 -18.56 7.88
C GLN C 102 20.77 -19.11 6.58
N LEU C 103 20.23 -20.32 6.64
CA LEU C 103 19.66 -20.97 5.46
C LEU C 103 18.45 -20.21 4.95
N ALA C 104 17.63 -19.74 5.89
CA ALA C 104 16.41 -19.03 5.55
C ALA C 104 16.71 -17.68 4.90
N ASN C 105 17.60 -16.92 5.51
CA ASN C 105 17.91 -15.58 5.01
C ASN C 105 18.49 -15.59 3.59
N MET C 106 19.26 -16.63 3.25
CA MET C 106 19.80 -16.73 1.90
C MET C 106 18.69 -17.05 0.90
N LEU C 107 17.72 -17.86 1.32
CA LEU C 107 16.61 -18.22 0.45
C LEU C 107 15.64 -17.06 0.30
N ARG C 108 15.44 -16.30 1.38
CA ARG C 108 14.61 -15.11 1.33
C ARG C 108 15.24 -14.04 0.46
N SER C 109 16.57 -13.98 0.48
CA SER C 109 17.33 -12.99 -0.28
C SER C 109 17.35 -13.33 -1.77
N GLN C 110 17.54 -14.60 -2.08
CA GLN C 110 17.59 -15.04 -3.48
C GLN C 110 16.24 -14.82 -4.15
N ALA C 111 15.17 -14.94 -3.37
CA ALA C 111 13.82 -14.73 -3.87
C ALA C 111 13.55 -13.26 -4.14
N ALA C 112 14.06 -12.39 -3.26
CA ALA C 112 13.82 -10.95 -3.36
C ALA C 112 14.50 -10.34 -4.59
N ARG C 113 15.45 -11.05 -5.17
CA ARG C 113 16.14 -10.57 -6.37
C ARG C 113 15.63 -11.28 -7.63
N PHE C 123 12.25 -12.98 10.10
CA PHE C 123 12.10 -14.43 10.08
C PHE C 123 11.87 -14.99 11.47
N HIS C 124 10.66 -15.51 11.69
CA HIS C 124 10.33 -16.14 12.97
C HIS C 124 10.00 -17.61 12.73
N PRO C 125 11.04 -18.47 12.73
CA PRO C 125 10.88 -19.90 12.40
C PRO C 125 9.87 -20.61 13.28
N HIS C 126 8.94 -21.32 12.66
CA HIS C 126 7.84 -21.96 13.39
C HIS C 126 7.19 -23.07 12.57
N ILE C 127 6.45 -23.94 13.26
CA ILE C 127 5.66 -24.98 12.62
C ILE C 127 4.19 -24.84 13.03
N THR C 128 3.34 -24.47 12.08
CA THR C 128 1.93 -24.21 12.39
C THR C 128 1.19 -25.49 12.73
N LEU C 129 0.49 -25.48 13.87
CA LEU C 129 -0.24 -26.64 14.34
C LEU C 129 -1.74 -26.47 14.12
N LEU C 130 -2.22 -25.27 14.39
CA LEU C 130 -3.65 -24.95 14.26
C LEU C 130 -3.85 -23.66 13.50
N ARG C 131 -4.87 -23.63 12.66
CA ARG C 131 -5.29 -22.41 11.98
C ARG C 131 -6.67 -22.01 12.49
N ASP C 132 -7.05 -20.75 12.30
CA ASP C 132 -8.33 -20.22 12.79
C ASP C 132 -8.44 -20.26 14.31
N ALA C 133 -7.32 -20.03 14.99
CA ALA C 133 -7.33 -20.00 16.45
C ALA C 133 -7.64 -18.60 16.96
N SER C 134 -8.90 -18.20 16.82
CA SER C 134 -9.31 -16.84 17.17
C SER C 134 -9.38 -16.62 18.69
N GLU C 135 -9.98 -17.57 19.40
CA GLU C 135 -10.08 -17.49 20.86
C GLU C 135 -8.75 -17.83 21.51
N ALA C 136 -8.50 -17.25 22.69
CA ALA C 136 -7.31 -17.57 23.46
C ALA C 136 -7.42 -18.94 24.11
N VAL C 137 -6.30 -19.66 24.14
CA VAL C 137 -6.25 -20.98 24.77
C VAL C 137 -4.91 -21.12 25.50
N THR C 138 -4.92 -21.83 26.62
CA THR C 138 -3.68 -22.12 27.35
C THR C 138 -2.75 -22.96 26.49
N ILE C 139 -1.49 -22.52 26.38
CA ILE C 139 -0.51 -23.22 25.55
C ILE C 139 0.50 -24.01 26.36
N PRO C 140 0.33 -25.34 26.40
CA PRO C 140 1.25 -26.25 27.09
C PRO C 140 2.61 -26.32 26.39
N PRO C 141 3.65 -26.77 27.10
CA PRO C 141 4.97 -26.96 26.48
C PRO C 141 4.96 -28.16 25.53
N PRO C 142 5.92 -28.21 24.59
CA PRO C 142 6.02 -29.34 23.65
C PRO C 142 6.30 -30.66 24.37
N GLY C 143 6.20 -31.77 23.63
CA GLY C 143 6.53 -33.07 24.18
C GLY C 143 8.02 -33.18 24.47
N PHE C 144 8.43 -34.31 25.02
CA PHE C 144 9.84 -34.49 25.38
C PHE C 144 10.69 -34.95 24.20
N ASN C 145 11.86 -34.34 24.09
CA ASN C 145 12.91 -34.78 23.16
C ASN C 145 12.47 -34.74 21.70
N TRP C 146 11.70 -33.72 21.34
CA TRP C 146 11.35 -33.50 19.94
C TRP C 146 12.53 -32.85 19.23
N SER C 147 13.60 -33.64 19.06
CA SER C 147 14.85 -33.14 18.53
C SER C 147 15.36 -34.05 17.42
N TYR C 148 15.82 -33.47 16.33
CA TYR C 148 16.30 -34.27 15.20
C TYR C 148 17.29 -33.49 14.34
N ALA C 149 18.06 -34.22 13.54
CA ALA C 149 19.05 -33.61 12.66
C ALA C 149 18.42 -33.25 11.32
N VAL C 150 18.73 -32.06 10.83
CA VAL C 150 18.22 -31.61 9.55
C VAL C 150 19.24 -31.90 8.46
N THR C 151 18.86 -32.73 7.49
CA THR C 151 19.79 -33.19 6.48
C THR C 151 19.57 -32.51 5.13
N GLU C 152 18.39 -31.93 4.94
CA GLU C 152 18.06 -31.31 3.65
C GLU C 152 16.91 -30.32 3.77
N PHE C 153 16.74 -29.49 2.74
CA PHE C 153 15.55 -28.66 2.62
C PHE C 153 14.93 -28.86 1.25
N THR C 154 13.62 -28.67 1.15
CA THR C 154 12.88 -29.04 -0.05
C THR C 154 12.10 -27.88 -0.66
N LEU C 155 12.09 -27.80 -1.99
CA LEU C 155 11.21 -26.88 -2.70
C LEU C 155 9.86 -27.54 -2.91
N TYR C 156 8.81 -26.89 -2.41
CA TYR C 156 7.46 -27.46 -2.48
C TYR C 156 6.54 -26.65 -3.39
N ALA C 157 5.47 -27.29 -3.85
CA ALA C 157 4.42 -26.63 -4.60
C ALA C 157 3.05 -26.99 -4.02
N SER C 158 2.30 -25.98 -3.60
CA SER C 158 1.00 -26.20 -2.99
C SER C 158 -0.14 -26.17 -4.00
N SER C 159 -1.23 -26.86 -3.67
CA SER C 159 -2.41 -26.89 -4.52
C SER C 159 -3.61 -27.27 -3.66
N PHE C 160 -4.78 -26.69 -3.96
CA PHE C 160 -5.93 -26.87 -3.09
C PHE C 160 -7.08 -27.57 -3.81
N ALA C 161 -7.21 -28.88 -3.60
CA ALA C 161 -8.29 -29.65 -4.20
C ALA C 161 -9.36 -30.08 -3.19
N ARG C 162 -10.61 -29.99 -3.61
CA ARG C 162 -11.78 -30.42 -2.84
C ARG C 162 -11.80 -29.92 -1.39
N GLY C 163 -11.11 -28.80 -1.14
CA GLY C 163 -11.11 -28.21 0.18
C GLY C 163 -9.93 -28.57 1.05
N ARG C 164 -9.09 -29.49 0.58
CA ARG C 164 -7.89 -29.86 1.34
C ARG C 164 -6.60 -29.44 0.63
N THR C 165 -5.64 -28.95 1.41
CA THR C 165 -4.34 -28.48 0.92
C THR C 165 -3.36 -29.63 0.68
N ARG C 166 -2.73 -29.68 -0.49
CA ARG C 166 -1.73 -30.71 -0.74
C ARG C 166 -0.39 -30.09 -1.10
N TYR C 167 0.68 -30.56 -0.45
CA TYR C 167 2.03 -30.10 -0.78
C TYR C 167 2.74 -31.13 -1.65
N THR C 168 3.28 -30.67 -2.77
CA THR C 168 4.01 -31.54 -3.70
C THR C 168 5.47 -31.14 -3.78
N PRO C 169 6.37 -32.07 -3.45
CA PRO C 169 7.81 -31.79 -3.50
C PRO C 169 8.34 -31.77 -4.93
N LEU C 170 9.26 -30.86 -5.21
CA LEU C 170 9.80 -30.72 -6.56
C LEU C 170 11.30 -31.02 -6.59
N LYS C 171 12.04 -30.40 -5.67
CA LYS C 171 13.48 -30.59 -5.58
C LYS C 171 13.95 -30.58 -4.13
N ARG C 172 14.98 -31.38 -3.84
CA ARG C 172 15.57 -31.41 -2.51
C ARG C 172 17.09 -31.16 -2.58
N TRP C 173 17.60 -30.41 -1.61
CA TRP C 173 19.03 -30.15 -1.54
C TRP C 173 19.58 -30.58 -0.19
N ALA C 174 20.56 -31.46 -0.20
CA ALA C 174 21.18 -31.92 1.03
C ALA C 174 22.07 -30.84 1.62
N LEU C 175 22.17 -30.81 2.95
CA LEU C 175 23.14 -29.95 3.59
C LEU C 175 24.38 -30.76 3.94
N THR C 176 25.56 -30.22 3.66
CA THR C 176 26.83 -30.88 3.95
C THR C 176 27.00 -31.16 5.44
N GLN C 177 27.74 -32.21 5.77
CA GLN C 177 28.04 -32.54 7.17
C GLN C 177 29.15 -33.61 7.26
N SER D 3 2.63 37.73 3.00
CA SER D 3 3.00 38.65 4.07
C SER D 3 3.45 37.89 5.31
N GLU D 4 2.97 36.65 5.45
CA GLU D 4 3.31 35.81 6.60
C GLU D 4 4.71 35.22 6.44
N PRO D 5 5.42 35.02 7.56
CA PRO D 5 6.78 34.45 7.52
C PRO D 5 6.82 33.04 6.93
N GLN D 6 7.95 32.68 6.34
CA GLN D 6 8.17 31.35 5.81
C GLN D 6 9.50 30.79 6.31
N ARG D 7 9.57 29.47 6.48
CA ARG D 7 10.81 28.85 6.90
C ARG D 7 11.62 28.45 5.67
N LEU D 8 12.63 29.27 5.36
CA LEU D 8 13.37 29.15 4.10
C LEU D 8 14.72 28.46 4.24
N PHE D 9 15.23 27.95 3.12
CA PHE D 9 16.61 27.51 3.02
C PHE D 9 17.03 27.38 1.56
N PHE D 10 18.33 27.57 1.31
CA PHE D 10 18.90 27.32 -0.02
C PHE D 10 19.39 25.88 -0.10
N ALA D 11 19.33 25.29 -1.28
CA ALA D 11 19.72 23.88 -1.41
C ALA D 11 20.17 23.51 -2.82
N ILE D 12 20.97 22.45 -2.89
CA ILE D 12 21.33 21.82 -4.15
C ILE D 12 20.49 20.56 -4.28
N ASP D 13 19.89 20.32 -5.44
CA ASP D 13 19.00 19.18 -5.62
C ASP D 13 19.67 18.01 -6.29
N LEU D 14 18.94 16.89 -6.37
CA LEU D 14 19.46 15.67 -6.97
C LEU D 14 18.68 15.32 -8.23
N PRO D 15 19.40 14.90 -9.28
CA PRO D 15 18.75 14.38 -10.49
C PRO D 15 17.88 13.17 -10.19
N ALA D 16 16.82 12.98 -10.98
CA ALA D 16 15.85 11.91 -10.74
C ALA D 16 16.54 10.55 -10.76
N GLU D 17 17.48 10.39 -11.68
CA GLU D 17 18.19 9.15 -11.88
C GLU D 17 19.03 8.76 -10.66
N ILE D 18 19.58 9.75 -9.95
CA ILE D 18 20.40 9.46 -8.80
C ILE D 18 19.59 9.21 -7.52
N ARG D 19 18.44 9.88 -7.40
CA ARG D 19 17.55 9.66 -6.27
C ARG D 19 17.08 8.21 -6.17
N GLU D 20 16.73 7.64 -7.32
CA GLU D 20 16.25 6.26 -7.36
C GLU D 20 17.37 5.30 -6.98
N GLN D 21 18.58 5.61 -7.44
CA GLN D 21 19.74 4.80 -7.09
C GLN D 21 19.99 4.85 -5.59
N ILE D 22 19.75 6.02 -5.01
CA ILE D 22 19.99 6.24 -3.60
C ILE D 22 18.95 5.54 -2.74
N ILE D 23 17.67 5.76 -3.04
CA ILE D 23 16.61 5.14 -2.27
C ILE D 23 16.58 3.63 -2.42
N HIS D 24 17.16 3.13 -3.52
CA HIS D 24 17.31 1.69 -3.70
C HIS D 24 18.48 1.15 -2.90
N TRP D 25 19.58 1.90 -2.90
CA TRP D 25 20.76 1.53 -2.12
C TRP D 25 20.43 1.59 -0.63
N ARG D 26 19.58 2.54 -0.27
CA ARG D 26 19.15 2.70 1.13
C ARG D 26 18.22 1.57 1.53
N ALA D 27 17.32 1.19 0.61
CA ALA D 27 16.36 0.13 0.87
C ALA D 27 17.02 -1.24 0.83
N LYS D 28 18.30 -1.26 0.50
CA LYS D 28 19.06 -2.50 0.40
C LYS D 28 19.90 -2.75 1.65
N HIS D 29 20.51 -1.68 2.16
CA HIS D 29 21.43 -1.78 3.29
C HIS D 29 20.85 -1.30 4.61
N PHE D 30 19.62 -0.81 4.59
CA PHE D 30 19.00 -0.32 5.82
C PHE D 30 17.56 -0.79 5.98
N PRO D 31 17.31 -1.60 7.02
CA PRO D 31 15.97 -2.06 7.39
C PRO D 31 15.16 -0.91 7.98
N PRO D 32 13.85 -1.09 8.16
CA PRO D 32 13.05 -0.06 8.83
C PRO D 32 13.54 0.19 10.26
N GLU D 33 14.21 -0.80 10.84
CA GLU D 33 14.72 -0.70 12.21
C GLU D 33 15.89 0.25 12.34
N ALA D 34 16.52 0.59 11.21
CA ALA D 34 17.70 1.46 11.23
C ALA D 34 17.32 2.90 11.56
N GLY D 35 16.14 3.32 11.15
CA GLY D 35 15.70 4.69 11.34
C GLY D 35 14.59 5.07 10.38
N ARG D 36 14.16 6.32 10.43
CA ARG D 36 13.09 6.81 9.58
C ARG D 36 13.62 7.33 8.24
N PRO D 37 13.19 6.70 7.14
CA PRO D 37 13.70 7.07 5.82
C PRO D 37 13.13 8.39 5.30
N VAL D 38 14.01 9.24 4.79
CA VAL D 38 13.59 10.50 4.19
C VAL D 38 12.97 10.23 2.83
N ALA D 39 11.82 10.86 2.56
CA ALA D 39 11.11 10.66 1.29
C ALA D 39 12.00 11.00 0.10
N ALA D 40 11.75 10.35 -1.02
CA ALA D 40 12.55 10.53 -2.23
C ALA D 40 12.51 11.98 -2.71
N ASP D 41 11.32 12.57 -2.68
CA ASP D 41 11.14 13.95 -3.14
C ASP D 41 11.74 14.96 -2.16
N ASN D 42 12.13 14.48 -0.97
CA ASN D 42 12.69 15.35 0.05
C ASN D 42 14.21 15.29 0.14
N LEU D 43 14.83 14.40 -0.64
CA LEU D 43 16.29 14.30 -0.62
C LEU D 43 16.93 15.53 -1.26
N HIS D 44 17.84 16.15 -0.52
CA HIS D 44 18.51 17.36 -0.96
C HIS D 44 19.79 17.63 -0.18
N LEU D 45 20.55 18.62 -0.63
CA LEU D 45 21.77 19.04 0.05
C LEU D 45 21.64 20.52 0.43
N THR D 46 21.37 20.78 1.71
CA THR D 46 21.16 22.15 2.18
C THR D 46 22.44 22.97 2.20
N LEU D 47 22.41 24.12 1.54
CA LEU D 47 23.56 25.03 1.52
C LEU D 47 23.50 26.02 2.67
N ALA D 48 22.29 26.41 3.06
CA ALA D 48 22.10 27.35 4.15
C ALA D 48 20.66 27.33 4.67
N PHE D 49 20.53 27.14 5.99
CA PHE D 49 19.21 27.14 6.62
C PHE D 49 18.90 28.52 7.18
N LEU D 50 17.74 29.05 6.81
CA LEU D 50 17.39 30.44 7.12
C LEU D 50 16.36 30.56 8.25
N GLY D 51 15.60 29.49 8.47
CA GLY D 51 14.54 29.51 9.45
C GLY D 51 13.40 30.42 9.02
N GLU D 52 12.57 30.82 9.97
CA GLU D 52 11.42 31.68 9.68
C GLU D 52 11.87 33.07 9.25
N VAL D 53 11.52 33.44 8.02
CA VAL D 53 11.92 34.72 7.45
C VAL D 53 10.72 35.53 6.95
N SER D 54 10.69 36.81 7.31
CA SER D 54 9.64 37.72 6.86
C SER D 54 9.71 37.92 5.34
N ALA D 55 8.62 38.42 4.76
CA ALA D 55 8.56 38.66 3.34
C ALA D 55 9.56 39.73 2.90
N GLU D 56 9.82 40.69 3.79
CA GLU D 56 10.74 41.78 3.50
C GLU D 56 12.18 41.32 3.44
N LYS D 57 12.57 40.47 4.38
CA LYS D 57 13.95 39.99 4.47
C LYS D 57 14.23 38.97 3.38
N GLU D 58 13.21 38.21 2.99
CA GLU D 58 13.31 37.26 1.88
C GLU D 58 13.72 37.94 0.58
N LYS D 59 13.12 39.10 0.31
CA LYS D 59 13.40 39.85 -0.91
C LYS D 59 14.86 40.26 -0.99
N ALA D 60 15.43 40.69 0.13
CA ALA D 60 16.82 41.12 0.18
C ALA D 60 17.73 39.91 -0.07
N LEU D 61 17.31 38.75 0.40
CA LEU D 61 18.07 37.52 0.20
C LEU D 61 18.01 37.06 -1.26
N SER D 62 16.83 37.18 -1.85
CA SER D 62 16.64 36.80 -3.25
C SER D 62 17.40 37.73 -4.17
N LEU D 63 17.60 38.97 -3.72
CA LEU D 63 18.34 39.96 -4.49
C LEU D 63 19.84 39.70 -4.40
N LEU D 64 20.30 39.42 -3.18
CA LEU D 64 21.71 39.11 -2.95
C LEU D 64 22.12 37.79 -3.59
N ALA D 65 21.16 36.86 -3.67
CA ALA D 65 21.43 35.56 -4.28
C ALA D 65 21.58 35.70 -5.79
N GLY D 66 20.85 36.66 -6.37
CA GLY D 66 20.88 36.89 -7.79
C GLY D 66 22.13 37.61 -8.24
N ARG D 67 22.88 38.13 -7.28
CA ARG D 67 24.11 38.84 -7.58
C ARG D 67 25.32 37.89 -7.57
N ILE D 68 25.10 36.65 -7.18
CA ILE D 68 26.17 35.67 -7.12
C ILE D 68 26.60 35.24 -8.52
N ARG D 69 27.90 35.34 -8.78
CA ARG D 69 28.43 34.90 -10.07
C ARG D 69 29.49 33.83 -9.83
N GLN D 70 29.12 32.58 -10.10
CA GLN D 70 29.99 31.45 -9.83
C GLN D 70 29.80 30.32 -10.83
N PRO D 71 30.91 29.78 -11.35
CA PRO D 71 30.87 28.63 -12.27
C PRO D 71 30.23 27.40 -11.65
N GLY D 72 29.60 26.57 -12.48
CA GLY D 72 28.99 25.34 -12.01
C GLY D 72 30.03 24.33 -11.60
N PHE D 73 29.60 23.24 -10.98
CA PHE D 73 30.52 22.22 -10.50
C PHE D 73 29.92 20.82 -10.50
N THR D 74 30.78 19.82 -10.31
CA THR D 74 30.35 18.43 -10.32
C THR D 74 30.37 17.86 -8.89
N LEU D 75 29.30 17.18 -8.50
CA LEU D 75 29.25 16.52 -7.21
C LEU D 75 29.35 15.01 -7.36
N THR D 76 30.36 14.41 -6.74
CA THR D 76 30.46 12.96 -6.68
C THR D 76 30.32 12.49 -5.24
N LEU D 77 29.22 11.79 -4.96
CA LEU D 77 28.90 11.36 -3.62
C LEU D 77 29.65 10.08 -3.26
N ASP D 78 30.86 10.23 -2.75
CA ASP D 78 31.72 9.10 -2.46
C ASP D 78 31.71 8.74 -0.98
N ASP D 79 30.96 9.50 -0.19
CA ASP D 79 31.00 9.33 1.26
C ASP D 79 29.63 9.16 1.89
N ALA D 80 29.55 8.27 2.87
CA ALA D 80 28.34 8.10 3.68
C ALA D 80 28.74 7.82 5.13
N GLY D 81 27.94 8.31 6.07
CA GLY D 81 28.27 8.15 7.47
C GLY D 81 27.09 8.28 8.41
N GLN D 82 27.40 8.36 9.70
CA GLN D 82 26.37 8.42 10.73
C GLN D 82 26.79 9.36 11.85
N TRP D 83 25.89 10.27 12.20
CA TRP D 83 26.11 11.16 13.34
C TRP D 83 25.28 10.67 14.51
N LEU D 84 25.97 10.24 15.56
CA LEU D 84 25.33 9.48 16.64
C LEU D 84 24.47 10.35 17.54
N ARG D 85 24.93 11.56 17.82
CA ARG D 85 24.16 12.46 18.67
C ARG D 85 22.90 12.93 17.96
N SER D 86 23.06 13.33 16.71
CA SER D 86 21.95 13.86 15.93
C SER D 86 21.04 12.76 15.39
N ARG D 87 21.49 11.51 15.53
CA ARG D 87 20.73 10.34 15.09
C ARG D 87 20.35 10.41 13.62
N VAL D 88 21.34 10.61 12.75
CA VAL D 88 21.08 10.67 11.32
C VAL D 88 22.11 9.87 10.52
N VAL D 89 21.65 9.25 9.44
CA VAL D 89 22.56 8.62 8.49
C VAL D 89 22.60 9.46 7.23
N TRP D 90 23.77 9.99 6.91
CA TRP D 90 23.90 10.95 5.83
C TRP D 90 24.72 10.43 4.65
N LEU D 91 24.54 11.08 3.51
CA LEU D 91 25.34 10.82 2.33
C LEU D 91 26.07 12.12 2.00
N GLY D 92 27.34 12.04 1.63
CA GLY D 92 28.10 13.24 1.37
C GLY D 92 29.32 13.08 0.49
N MET D 93 30.30 13.97 0.67
N MET D 93 30.27 14.00 0.66
CA MET D 93 31.50 13.97 -0.17
CA MET D 93 31.51 13.98 -0.11
C MET D 93 32.77 14.19 0.67
C MET D 93 32.71 14.03 0.82
N ARG D 94 33.78 13.37 0.41
CA ARG D 94 35.04 13.43 1.17
C ARG D 94 35.70 14.77 0.99
N GLN D 95 35.95 15.13 -0.27
CA GLN D 95 36.52 16.43 -0.61
C GLN D 95 35.57 17.21 -1.50
N PRO D 96 34.64 17.95 -0.88
CA PRO D 96 33.66 18.74 -1.63
C PRO D 96 34.38 19.74 -2.54
N PRO D 97 33.84 19.96 -3.75
CA PRO D 97 34.49 20.88 -4.67
C PRO D 97 34.47 22.30 -4.13
N ARG D 98 35.52 23.07 -4.41
CA ARG D 98 35.63 24.43 -3.90
C ARG D 98 34.44 25.27 -4.32
N GLY D 99 33.88 24.95 -5.48
CA GLY D 99 32.68 25.62 -5.97
C GLY D 99 31.51 25.40 -5.02
N LEU D 100 31.46 24.23 -4.39
CA LEU D 100 30.40 23.94 -3.44
C LEU D 100 30.62 24.75 -2.15
N ILE D 101 31.87 24.75 -1.68
CA ILE D 101 32.23 25.48 -0.47
C ILE D 101 32.02 26.99 -0.66
N GLN D 102 32.39 27.49 -1.84
CA GLN D 102 32.27 28.91 -2.13
C GLN D 102 30.81 29.34 -2.17
N LEU D 103 29.98 28.52 -2.79
CA LEU D 103 28.57 28.82 -2.97
C LEU D 103 27.84 28.93 -1.64
N ALA D 104 28.14 28.01 -0.73
CA ALA D 104 27.47 27.99 0.56
C ALA D 104 27.86 29.19 1.42
N ASN D 105 29.17 29.42 1.57
CA ASN D 105 29.67 30.48 2.43
C ASN D 105 29.19 31.87 2.02
N MET D 106 29.03 32.09 0.73
CA MET D 106 28.53 33.37 0.23
C MET D 106 27.06 33.53 0.58
N LEU D 107 26.33 32.42 0.54
CA LEU D 107 24.91 32.41 0.88
C LEU D 107 24.72 32.50 2.39
N ARG D 108 25.62 31.86 3.13
CA ARG D 108 25.61 31.90 4.59
C ARG D 108 25.90 33.32 5.08
N SER D 109 26.75 34.03 4.34
CA SER D 109 27.15 35.39 4.69
C SER D 109 26.04 36.42 4.40
N GLN D 110 25.38 36.27 3.25
CA GLN D 110 24.34 37.20 2.82
C GLN D 110 23.14 37.22 3.77
N ALA D 111 22.86 36.08 4.41
CA ALA D 111 21.78 36.00 5.37
C ALA D 111 22.19 36.76 6.63
N ALA D 112 23.45 36.61 7.00
CA ALA D 112 24.00 37.26 8.18
C ALA D 112 24.05 38.77 8.01
N PHE D 123 30.38 24.51 7.69
CA PHE D 123 29.57 23.92 6.63
C PHE D 123 29.99 22.48 6.35
N HIS D 124 29.11 21.55 6.68
CA HIS D 124 29.36 20.14 6.41
C HIS D 124 28.32 19.59 5.44
N PRO D 125 28.56 19.76 4.13
CA PRO D 125 27.60 19.39 3.09
C PRO D 125 27.20 17.91 3.14
N HIS D 126 25.89 17.65 3.13
CA HIS D 126 25.39 16.29 3.26
C HIS D 126 23.95 16.13 2.79
N ILE D 127 23.56 14.88 2.54
CA ILE D 127 22.18 14.54 2.20
C ILE D 127 21.67 13.52 3.20
N THR D 128 20.75 13.94 4.05
CA THR D 128 20.26 13.06 5.12
C THR D 128 19.40 11.94 4.54
N LEU D 129 19.73 10.71 4.92
CA LEU D 129 19.02 9.54 4.40
C LEU D 129 18.06 8.96 5.44
N LEU D 130 18.49 8.93 6.69
CA LEU D 130 17.68 8.38 7.76
C LEU D 130 17.62 9.33 8.95
N ARG D 131 16.44 9.44 9.55
CA ARG D 131 16.29 10.15 10.81
C ARG D 131 15.89 9.15 11.88
N ASP D 132 16.09 9.53 13.14
CA ASP D 132 15.83 8.67 14.28
C ASP D 132 16.69 7.41 14.24
N ALA D 133 17.90 7.56 13.71
CA ALA D 133 18.85 6.45 13.68
C ALA D 133 19.66 6.48 14.96
N SER D 134 19.02 6.14 16.06
CA SER D 134 19.64 6.23 17.38
C SER D 134 20.70 5.15 17.59
N GLU D 135 20.37 3.93 17.19
CA GLU D 135 21.32 2.82 17.32
C GLU D 135 22.42 2.93 16.27
N ALA D 136 23.60 2.43 16.60
CA ALA D 136 24.69 2.39 15.64
C ALA D 136 24.43 1.32 14.59
N VAL D 137 24.79 1.61 13.35
CA VAL D 137 24.61 0.65 12.26
C VAL D 137 25.81 0.71 11.33
N THR D 138 26.15 -0.44 10.75
CA THR D 138 27.23 -0.49 9.78
C THR D 138 26.87 0.39 8.58
N ILE D 139 27.78 1.28 8.21
CA ILE D 139 27.53 2.21 7.12
C ILE D 139 28.32 1.81 5.89
N PRO D 140 27.63 1.21 4.91
CA PRO D 140 28.27 0.80 3.66
C PRO D 140 28.71 2.01 2.84
N PRO D 141 29.64 1.82 1.91
CA PRO D 141 30.00 2.93 1.03
C PRO D 141 28.87 3.20 0.04
N PRO D 142 28.84 4.41 -0.55
CA PRO D 142 27.81 4.74 -1.53
C PRO D 142 27.88 3.86 -2.78
N GLY D 143 26.85 3.92 -3.62
CA GLY D 143 26.85 3.19 -4.87
C GLY D 143 27.90 3.73 -5.83
N PHE D 144 28.03 3.10 -6.99
CA PHE D 144 29.04 3.49 -7.96
C PHE D 144 28.59 4.64 -8.85
N ASN D 145 29.49 5.60 -9.07
CA ASN D 145 29.32 6.66 -10.05
C ASN D 145 28.10 7.54 -9.79
N TRP D 146 27.83 7.82 -8.52
CA TRP D 146 26.80 8.78 -8.15
C TRP D 146 27.32 10.19 -8.35
N SER D 147 27.48 10.56 -9.61
CA SER D 147 28.11 11.83 -9.98
C SER D 147 27.25 12.60 -10.97
N TYR D 148 27.13 13.91 -10.74
CA TYR D 148 26.33 14.74 -11.62
C TYR D 148 26.77 16.19 -11.59
N ALA D 149 26.42 16.93 -12.62
CA ALA D 149 26.77 18.35 -12.72
C ALA D 149 25.70 19.22 -12.08
N VAL D 150 26.13 20.20 -11.29
CA VAL D 150 25.21 21.13 -10.65
C VAL D 150 25.07 22.39 -11.49
N THR D 151 23.84 22.66 -11.94
CA THR D 151 23.59 23.75 -12.88
C THR D 151 22.92 24.93 -12.21
N GLU D 152 22.35 24.71 -11.02
CA GLU D 152 21.61 25.75 -10.32
C GLU D 152 21.46 25.47 -8.83
N PHE D 153 21.09 26.49 -8.07
CA PHE D 153 20.70 26.30 -6.67
C PHE D 153 19.35 26.97 -6.44
N THR D 154 18.58 26.42 -5.49
CA THR D 154 17.19 26.83 -5.32
C THR D 154 16.89 27.32 -3.91
N LEU D 155 16.07 28.36 -3.82
CA LEU D 155 15.52 28.81 -2.55
C LEU D 155 14.23 28.04 -2.25
N TYR D 156 14.20 27.35 -1.12
CA TYR D 156 13.07 26.52 -0.76
C TYR D 156 12.32 27.06 0.45
N ALA D 157 11.06 26.67 0.57
CA ALA D 157 10.26 26.98 1.75
C ALA D 157 9.59 25.70 2.23
N SER D 158 9.86 25.32 3.47
CA SER D 158 9.29 24.09 4.01
C SER D 158 7.98 24.37 4.73
N SER D 159 7.13 23.35 4.82
CA SER D 159 5.86 23.48 5.52
C SER D 159 5.31 22.10 5.93
N PHE D 160 4.65 22.02 7.09
CA PHE D 160 4.18 20.74 7.63
C PHE D 160 2.68 20.58 7.83
N ALA D 161 2.08 19.86 6.89
CA ALA D 161 0.70 19.48 6.99
C ALA D 161 0.55 17.98 7.22
N ARG D 162 -0.05 17.60 8.35
CA ARG D 162 -0.40 16.21 8.64
C ARG D 162 0.74 15.18 8.68
N GLY D 163 1.95 15.63 9.03
CA GLY D 163 3.06 14.69 9.21
C GLY D 163 4.10 14.48 8.13
N ARG D 164 3.92 15.07 6.96
CA ARG D 164 4.95 14.96 5.92
C ARG D 164 5.58 16.33 5.63
N THR D 165 6.89 16.36 5.40
CA THR D 165 7.56 17.61 5.10
C THR D 165 7.35 17.92 3.62
N ARG D 166 6.93 19.14 3.30
CA ARG D 166 6.83 19.45 1.89
C ARG D 166 7.73 20.66 1.61
N TYR D 167 8.61 20.51 0.64
CA TYR D 167 9.48 21.61 0.24
C TYR D 167 8.91 22.26 -1.00
N THR D 168 8.71 23.57 -0.96
CA THR D 168 8.16 24.28 -2.09
C THR D 168 9.19 25.27 -2.63
N PRO D 169 9.55 25.12 -3.90
CA PRO D 169 10.56 26.00 -4.50
C PRO D 169 9.99 27.39 -4.78
N LEU D 170 10.82 28.41 -4.59
CA LEU D 170 10.38 29.79 -4.78
C LEU D 170 11.17 30.45 -5.91
N LYS D 171 12.50 30.28 -5.86
CA LYS D 171 13.37 30.85 -6.88
C LYS D 171 14.56 29.94 -7.18
N ARG D 172 14.98 29.94 -8.44
CA ARG D 172 16.18 29.20 -8.84
C ARG D 172 17.16 30.11 -9.55
N TRP D 173 18.45 29.92 -9.26
CA TRP D 173 19.51 30.70 -9.88
C TRP D 173 20.51 29.77 -10.56
N ALA D 174 20.74 29.99 -11.84
CA ALA D 174 21.71 29.19 -12.58
C ALA D 174 23.13 29.55 -12.17
N LEU D 175 24.03 28.56 -12.21
CA LEU D 175 25.45 28.79 -12.02
C LEU D 175 26.12 28.91 -13.38
N THR D 176 27.08 29.83 -13.49
CA THR D 176 27.79 30.07 -14.74
C THR D 176 28.38 28.76 -15.26
N GLN D 177 28.49 28.63 -16.58
CA GLN D 177 29.00 27.41 -17.19
C GLN D 177 29.31 27.66 -18.66
P PO4 E . -18.54 7.85 -25.93
O1 PO4 E . -18.14 6.65 -26.77
O2 PO4 E . -19.47 7.41 -24.84
O3 PO4 E . -19.22 8.88 -26.81
O4 PO4 E . -17.30 8.47 -25.32
P PO4 F . -7.33 -8.04 10.63
O1 PO4 F . -7.09 -9.38 9.97
O2 PO4 F . -8.66 -7.48 10.17
O3 PO4 F . -6.22 -7.09 10.25
O4 PO4 F . -7.36 -8.20 12.13
P PO4 G . 2.80 -21.06 7.63
O1 PO4 G . 3.96 -22.01 7.77
O2 PO4 G . 2.92 -20.31 6.32
O3 PO4 G . 1.50 -21.83 7.63
O4 PO4 G . 2.79 -20.07 8.77
P PO4 H . 19.25 18.72 7.04
O1 PO4 H . 18.20 17.89 7.74
O2 PO4 H . 20.56 18.64 7.80
O3 PO4 H . 19.45 18.19 5.65
O4 PO4 H . 18.80 20.16 6.97
P PO4 I . 11.79 14.34 6.15
O1 PO4 I . 12.20 13.46 7.30
O2 PO4 I . 12.95 15.22 5.75
O3 PO4 I . 11.37 13.49 4.98
O4 PO4 I . 10.64 15.18 6.60
#